data_8EVN
#
_entry.id   8EVN
#
_cell.length_a   65.535
_cell.length_b   128.336
_cell.length_c   138.693
_cell.angle_alpha   90.000
_cell.angle_beta   90.000
_cell.angle_gamma   90.000
#
_symmetry.space_group_name_H-M   'P 21 21 21'
#
loop_
_entity.id
_entity.type
_entity.pdbx_description
1 polymer 'Alpha-ketoglutarate-dependent sulfate ester dioxygenase'
2 non-polymer N-OXALYLGLYCINE
3 non-polymer 'NICKEL (II) ION'
4 non-polymer 2-AMINO-2-HYDROXYMETHYL-PROPANE-1,3-DIOL
5 water water
#
_entity_poly.entity_id   1
_entity_poly.type   'polypeptide(L)'
_entity_poly.pdbx_seq_one_letter_code
;GSHMTDLITVKKLGSRIGAQIDGVRLGGDLDPAAVNEIRAALLAHKVVFFRGQHQLDDAEQLAFAGLLGTPIGHPAAIAL
ADDAPIITPINSEFGKANRWHTDVTFAANYPAASVLRAVSLPSYGGSTLWANTAAAYAELPEPLKCLTENLWALHTNRYD
YVTTKPLTAAQRAFRQVFEKPDFRTEHPVVRVHPETGERTLLAGDFVRSFVGLDSHESRVLFEVLQRRITMPENTIRWNW
APGDVAIWDNRATQHRAIDDYDDQHRLMHRVTLMGDVPVDVYGQASRVISGAPMEIAG
;
_entity_poly.pdbx_strand_id   A,B,C,D
#
# COMPACT_ATOMS: atom_id res chain seq x y z
N ILE A 8 -25.40 10.69 -39.59
CA ILE A 8 -24.48 10.97 -38.42
C ILE A 8 -23.48 9.83 -38.32
N THR A 9 -22.19 10.18 -38.42
CA THR A 9 -21.10 9.21 -38.30
C THR A 9 -20.57 9.24 -36.87
N VAL A 10 -20.09 8.08 -36.40
CA VAL A 10 -19.60 7.95 -35.03
C VAL A 10 -18.32 7.11 -35.06
N LYS A 11 -17.17 7.80 -35.00
CA LYS A 11 -15.87 7.15 -35.00
C LYS A 11 -15.46 6.82 -33.56
N LYS A 12 -14.81 5.66 -33.38
CA LYS A 12 -14.35 5.22 -32.09
C LYS A 12 -12.99 5.85 -31.80
N LEU A 13 -12.72 6.16 -30.52
CA LEU A 13 -11.47 6.79 -30.10
C LEU A 13 -10.57 5.74 -29.43
N GLY A 14 -11.16 4.92 -28.55
CA GLY A 14 -10.45 3.85 -27.87
C GLY A 14 -11.31 2.60 -27.73
N SER A 15 -10.66 1.46 -27.48
CA SER A 15 -11.32 0.17 -27.46
C SER A 15 -12.33 0.07 -26.33
N ARG A 16 -12.01 0.69 -25.18
CA ARG A 16 -12.84 0.58 -23.99
C ARG A 16 -13.67 1.85 -23.78
N ILE A 17 -13.17 3.00 -24.23
CA ILE A 17 -13.86 4.27 -24.01
C ILE A 17 -13.58 5.22 -25.18
N GLY A 18 -14.50 6.17 -25.37
CA GLY A 18 -14.27 7.31 -26.25
C GLY A 18 -14.85 7.09 -27.64
N ALA A 19 -15.48 8.14 -28.19
CA ALA A 19 -15.95 8.16 -29.55
C ALA A 19 -16.24 9.60 -29.97
N GLN A 20 -15.94 9.92 -31.24
CA GLN A 20 -16.24 11.22 -31.81
C GLN A 20 -17.41 11.08 -32.77
N ILE A 21 -18.31 12.07 -32.75
CA ILE A 21 -19.51 12.05 -33.58
C ILE A 21 -19.51 13.31 -34.46
N ASP A 22 -19.42 13.10 -35.77
CA ASP A 22 -19.47 14.18 -36.75
C ASP A 22 -20.78 14.13 -37.52
N GLY A 23 -21.06 15.19 -38.27
CA GLY A 23 -22.23 15.25 -39.14
C GLY A 23 -23.50 15.57 -38.37
N VAL A 24 -23.40 16.48 -37.39
CA VAL A 24 -24.55 16.89 -36.60
C VAL A 24 -24.20 18.17 -35.86
N ARG A 25 -25.12 19.14 -35.91
CA ARG A 25 -25.00 20.40 -35.20
C ARG A 25 -25.92 20.36 -33.98
N LEU A 26 -25.33 20.54 -32.79
CA LEU A 26 -26.06 20.38 -31.54
C LEU A 26 -27.05 21.53 -31.35
N GLY A 27 -28.29 21.17 -31.00
CA GLY A 27 -29.35 22.14 -30.80
C GLY A 27 -30.63 21.47 -30.30
N GLY A 28 -31.65 22.29 -30.02
CA GLY A 28 -32.92 21.81 -29.50
C GLY A 28 -33.81 21.22 -30.60
N ASP A 29 -33.51 21.54 -31.85
CA ASP A 29 -34.32 21.12 -32.99
C ASP A 29 -33.63 19.97 -33.72
N LEU A 30 -33.33 18.89 -32.98
CA LEU A 30 -32.79 17.68 -33.57
C LEU A 30 -33.92 16.66 -33.71
N ASP A 31 -33.88 15.89 -34.80
CA ASP A 31 -34.88 14.87 -35.08
C ASP A 31 -34.73 13.74 -34.05
N PRO A 32 -35.83 13.06 -33.66
CA PRO A 32 -35.76 11.94 -32.72
C PRO A 32 -34.73 10.88 -33.11
N ALA A 33 -34.68 10.54 -34.41
CA ALA A 33 -33.78 9.52 -34.91
C ALA A 33 -32.32 9.90 -34.63
N ALA A 34 -32.01 11.19 -34.79
CA ALA A 34 -30.65 11.70 -34.60
C ALA A 34 -30.25 11.59 -33.13
N VAL A 35 -31.15 11.97 -32.23
CA VAL A 35 -30.87 12.00 -30.81
C VAL A 35 -30.74 10.57 -30.28
N ASN A 36 -31.47 9.63 -30.89
CA ASN A 36 -31.43 8.23 -30.50
C ASN A 36 -30.06 7.63 -30.83
N GLU A 37 -29.43 8.11 -31.90
CA GLU A 37 -28.10 7.66 -32.29
C GLU A 37 -27.05 8.24 -31.34
N ILE A 38 -27.22 9.52 -30.96
CA ILE A 38 -26.30 10.20 -30.08
C ILE A 38 -26.30 9.54 -28.70
N ARG A 39 -27.48 9.08 -28.26
CA ARG A 39 -27.62 8.43 -26.96
C ARG A 39 -27.09 7.01 -27.03
N ALA A 40 -27.45 6.28 -28.10
CA ALA A 40 -26.95 4.94 -28.34
C ALA A 40 -25.42 4.95 -28.34
N ALA A 41 -24.82 6.01 -28.87
CA ALA A 41 -23.37 6.19 -28.86
C ALA A 41 -22.89 6.46 -27.44
N LEU A 42 -23.59 7.36 -26.73
CA LEU A 42 -23.20 7.78 -25.39
C LEU A 42 -23.15 6.58 -24.46
N LEU A 43 -24.20 5.75 -24.49
CA LEU A 43 -24.30 4.59 -23.63
C LEU A 43 -23.16 3.61 -23.94
N ALA A 44 -22.89 3.41 -25.23
CA ALA A 44 -21.91 2.42 -25.67
C ALA A 44 -20.49 2.87 -25.31
N HIS A 45 -20.15 4.11 -25.67
CA HIS A 45 -18.79 4.59 -25.64
C HIS A 45 -18.49 5.45 -24.41
N LYS A 46 -19.49 5.62 -23.53
CA LYS A 46 -19.31 6.21 -22.22
C LYS A 46 -19.20 7.73 -22.32
N VAL A 47 -18.25 8.23 -23.13
CA VAL A 47 -18.13 9.65 -23.41
C VAL A 47 -18.09 9.84 -24.94
N VAL A 48 -18.76 10.89 -25.40
CA VAL A 48 -18.83 11.20 -26.83
C VAL A 48 -18.52 12.68 -27.03
N PHE A 49 -17.78 12.97 -28.10
CA PHE A 49 -17.26 14.32 -28.35
C PHE A 49 -17.82 14.86 -29.66
N PHE A 50 -18.20 16.15 -29.62
CA PHE A 50 -18.71 16.86 -30.79
C PHE A 50 -17.80 18.06 -31.07
N ARG A 51 -16.93 17.90 -32.07
CA ARG A 51 -16.05 18.98 -32.51
C ARG A 51 -16.80 19.93 -33.43
N GLY A 52 -16.27 21.15 -33.58
CA GLY A 52 -16.78 22.12 -34.53
C GLY A 52 -18.19 22.62 -34.16
N GLN A 53 -18.37 22.93 -32.87
CA GLN A 53 -19.65 23.39 -32.35
C GLN A 53 -19.47 24.79 -31.79
N HIS A 54 -18.97 25.71 -32.64
CA HIS A 54 -18.61 27.06 -32.20
C HIS A 54 -19.85 27.94 -32.07
N GLN A 55 -21.02 27.41 -32.45
CA GLN A 55 -22.23 28.21 -32.60
C GLN A 55 -23.13 28.10 -31.36
N LEU A 56 -22.69 27.32 -30.35
CA LEU A 56 -23.53 27.01 -29.21
C LEU A 56 -23.60 28.21 -28.26
N ASP A 57 -24.84 28.70 -28.05
CA ASP A 57 -25.17 29.59 -26.96
C ASP A 57 -25.44 28.75 -25.72
N ASP A 58 -25.51 29.39 -24.55
CA ASP A 58 -25.89 28.73 -23.31
C ASP A 58 -27.32 28.22 -23.42
N ALA A 59 -28.20 29.04 -24.01
CA ALA A 59 -29.60 28.68 -24.19
C ALA A 59 -29.72 27.53 -25.18
N GLU A 60 -28.87 27.53 -26.22
CA GLU A 60 -28.86 26.49 -27.23
C GLU A 60 -28.29 25.20 -26.63
N GLN A 61 -27.34 25.33 -25.70
CA GLN A 61 -26.76 24.19 -25.01
C GLN A 61 -27.81 23.55 -24.10
N LEU A 62 -28.57 24.40 -23.41
CA LEU A 62 -29.62 23.96 -22.49
C LEU A 62 -30.75 23.29 -23.27
N ALA A 63 -30.98 23.75 -24.49
CA ALA A 63 -32.03 23.21 -25.35
C ALA A 63 -31.74 21.75 -25.68
N PHE A 64 -30.53 21.49 -26.20
CA PHE A 64 -30.13 20.14 -26.61
C PHE A 64 -30.10 19.20 -25.40
N ALA A 65 -29.69 19.74 -24.24
CA ALA A 65 -29.62 18.95 -23.01
C ALA A 65 -31.01 18.45 -22.61
N GLY A 66 -32.04 19.25 -22.91
CA GLY A 66 -33.42 18.92 -22.59
C GLY A 66 -33.96 17.72 -23.35
N LEU A 67 -33.26 17.33 -24.44
CA LEU A 67 -33.62 16.15 -25.21
C LEU A 67 -33.07 14.89 -24.56
N LEU A 68 -31.97 15.04 -23.82
CA LEU A 68 -31.31 13.92 -23.18
C LEU A 68 -31.94 13.63 -21.82
N GLY A 69 -32.31 14.69 -21.09
CA GLY A 69 -32.87 14.52 -19.75
C GLY A 69 -33.42 15.83 -19.18
N THR A 70 -33.40 15.93 -17.85
CA THR A 70 -33.93 17.08 -17.14
C THR A 70 -32.79 17.90 -16.55
N PRO A 71 -32.52 19.13 -17.05
CA PRO A 71 -31.55 20.02 -16.43
C PRO A 71 -31.84 20.29 -14.95
N ILE A 72 -30.79 20.24 -14.13
CA ILE A 72 -30.93 20.40 -12.69
C ILE A 72 -31.12 21.88 -12.36
N ALA A 97 -10.61 20.73 -9.59
CA ALA A 97 -11.22 19.38 -9.61
C ALA A 97 -10.26 18.38 -10.25
N ASN A 98 -9.03 18.34 -9.72
CA ASN A 98 -7.93 17.61 -10.34
C ASN A 98 -7.79 16.21 -9.73
N ARG A 99 -8.90 15.61 -9.31
CA ARG A 99 -8.89 14.24 -8.79
C ARG A 99 -10.03 13.45 -9.44
N TRP A 100 -9.78 12.15 -9.63
CA TRP A 100 -10.76 11.24 -10.21
C TRP A 100 -12.03 11.24 -9.36
N HIS A 101 -13.17 11.53 -10.01
CA HIS A 101 -14.45 11.62 -9.31
C HIS A 101 -15.59 11.31 -10.26
N THR A 102 -16.73 10.90 -9.67
CA THR A 102 -18.02 10.93 -10.31
C THR A 102 -18.80 12.10 -9.70
N ASP A 103 -19.43 12.92 -10.54
CA ASP A 103 -19.98 14.19 -10.09
C ASP A 103 -21.06 13.96 -9.04
N VAL A 104 -20.84 14.52 -7.85
CA VAL A 104 -21.86 14.70 -6.83
C VAL A 104 -22.41 13.33 -6.39
N THR A 105 -21.51 12.38 -6.11
CA THR A 105 -21.91 11.07 -5.61
C THR A 105 -22.21 11.16 -4.11
N PHE A 106 -21.94 12.31 -3.49
CA PHE A 106 -22.33 12.56 -2.11
C PHE A 106 -23.85 12.65 -2.01
N ALA A 107 -24.52 12.94 -3.14
CA ALA A 107 -25.97 12.90 -3.24
C ALA A 107 -26.42 11.53 -3.72
N ALA A 108 -27.64 11.13 -3.34
CA ALA A 108 -28.17 9.81 -3.62
C ALA A 108 -28.60 9.72 -5.09
N ASN A 109 -29.46 10.64 -5.51
CA ASN A 109 -29.89 10.72 -6.90
C ASN A 109 -28.94 11.63 -7.67
N TYR A 110 -27.71 11.15 -7.87
CA TYR A 110 -26.66 11.97 -8.48
C TYR A 110 -26.84 11.97 -9.99
N PRO A 111 -26.31 12.99 -10.71
CA PRO A 111 -26.57 13.16 -12.14
C PRO A 111 -26.30 11.95 -13.03
N ALA A 112 -27.06 11.85 -14.12
CA ALA A 112 -26.94 10.74 -15.06
C ALA A 112 -25.83 11.03 -16.07
N ALA A 113 -25.83 12.25 -16.61
CA ALA A 113 -24.84 12.68 -17.59
C ALA A 113 -24.73 14.20 -17.58
N SER A 114 -23.67 14.71 -18.21
CA SER A 114 -23.45 16.15 -18.31
C SER A 114 -22.96 16.50 -19.72
N VAL A 115 -23.28 17.73 -20.15
CA VAL A 115 -22.84 18.25 -21.43
C VAL A 115 -21.95 19.47 -21.18
N LEU A 116 -20.63 19.26 -21.30
CA LEU A 116 -19.65 20.30 -21.02
C LEU A 116 -19.18 20.91 -22.34
N ARG A 117 -18.97 22.23 -22.33
CA ARG A 117 -18.59 22.98 -23.52
C ARG A 117 -17.43 23.91 -23.19
N ALA A 118 -16.47 24.01 -24.12
CA ALA A 118 -15.35 24.92 -23.99
C ALA A 118 -15.75 26.30 -24.52
N VAL A 119 -15.52 27.33 -23.69
CA VAL A 119 -15.84 28.71 -24.06
C VAL A 119 -14.54 29.52 -24.11
N SER A 120 -13.67 29.34 -23.12
CA SER A 120 -12.37 30.01 -23.09
C SER A 120 -11.31 29.03 -22.60
N LEU A 121 -10.34 28.73 -23.46
CA LEU A 121 -9.35 27.70 -23.20
C LEU A 121 -7.97 28.32 -22.96
N PRO A 122 -7.04 27.60 -22.29
CA PRO A 122 -5.67 28.09 -22.11
C PRO A 122 -4.85 28.03 -23.39
N SER A 123 -3.63 28.57 -23.32
CA SER A 123 -2.69 28.56 -24.43
C SER A 123 -2.17 27.15 -24.68
N TYR A 124 -2.12 26.34 -23.62
CA TYR A 124 -1.65 24.97 -23.70
C TYR A 124 -2.13 24.19 -22.47
N GLY A 125 -2.30 22.87 -22.65
CA GLY A 125 -2.77 22.00 -21.59
C GLY A 125 -4.26 22.15 -21.33
N GLY A 126 -4.71 21.66 -20.17
CA GLY A 126 -6.10 21.77 -19.76
C GLY A 126 -6.96 20.64 -20.31
N SER A 127 -6.36 19.47 -20.52
CA SER A 127 -7.08 18.29 -21.00
C SER A 127 -7.86 17.67 -19.84
N THR A 128 -8.79 16.76 -20.19
CA THR A 128 -9.64 16.12 -19.22
C THR A 128 -9.66 14.61 -19.48
N LEU A 129 -9.66 13.83 -18.38
CA LEU A 129 -9.61 12.39 -18.43
C LEU A 129 -11.00 11.80 -18.17
N TRP A 130 -11.26 10.62 -18.74
CA TRP A 130 -12.50 9.88 -18.53
C TRP A 130 -12.18 8.39 -18.41
N ALA A 131 -12.81 7.73 -17.43
CA ALA A 131 -12.62 6.30 -17.18
C ALA A 131 -13.94 5.57 -17.40
N ASN A 132 -13.88 4.34 -17.93
CA ASN A 132 -15.05 3.52 -18.13
C ASN A 132 -15.20 2.55 -16.97
N THR A 133 -16.10 2.88 -16.04
CA THR A 133 -16.26 2.11 -14.80
C THR A 133 -17.10 0.87 -15.07
N ALA A 134 -17.75 0.80 -16.23
CA ALA A 134 -18.48 -0.39 -16.65
C ALA A 134 -17.50 -1.48 -17.07
N ALA A 135 -16.51 -1.11 -17.88
CA ALA A 135 -15.48 -2.03 -18.34
C ALA A 135 -14.58 -2.46 -17.18
N ALA A 136 -14.37 -1.53 -16.23
CA ALA A 136 -13.57 -1.80 -15.05
C ALA A 136 -14.13 -2.99 -14.28
N TYR A 137 -15.44 -2.97 -14.04
CA TYR A 137 -16.13 -4.04 -13.33
C TYR A 137 -16.01 -5.35 -14.10
N ALA A 138 -16.27 -5.28 -15.42
CA ALA A 138 -16.33 -6.46 -16.26
C ALA A 138 -15.01 -7.24 -16.22
N GLU A 139 -13.89 -6.50 -16.10
CA GLU A 139 -12.56 -7.08 -16.21
C GLU A 139 -12.00 -7.42 -14.82
N LEU A 140 -12.82 -7.27 -13.76
CA LEU A 140 -12.45 -7.73 -12.44
C LEU A 140 -12.40 -9.25 -12.44
N PRO A 141 -11.33 -9.87 -11.88
CA PRO A 141 -11.38 -11.30 -11.54
C PRO A 141 -12.59 -11.61 -10.66
N GLU A 142 -13.00 -12.89 -10.66
CA GLU A 142 -14.19 -13.33 -9.96
C GLU A 142 -14.14 -12.91 -8.49
N PRO A 143 -12.99 -13.07 -7.78
CA PRO A 143 -12.87 -12.62 -6.40
C PRO A 143 -13.23 -11.14 -6.16
N LEU A 144 -12.79 -10.27 -7.08
CA LEU A 144 -12.97 -8.84 -6.93
C LEU A 144 -14.39 -8.42 -7.28
N LYS A 145 -15.09 -9.24 -8.07
CA LYS A 145 -16.53 -9.04 -8.28
C LYS A 145 -17.26 -9.32 -6.96
N CYS A 146 -17.03 -10.51 -6.39
CA CYS A 146 -17.53 -10.85 -5.07
C CYS A 146 -17.42 -9.67 -4.11
N LEU A 147 -16.19 -9.15 -3.99
CA LEU A 147 -15.91 -8.03 -3.10
C LEU A 147 -16.86 -6.88 -3.42
N THR A 148 -16.78 -6.37 -4.65
CA THR A 148 -17.38 -5.11 -5.03
C THR A 148 -18.91 -5.21 -5.02
N GLU A 149 -19.44 -6.37 -5.44
CA GLU A 149 -20.87 -6.58 -5.53
C GLU A 149 -21.53 -6.46 -4.15
N ASN A 150 -20.79 -6.83 -3.10
CA ASN A 150 -21.32 -6.84 -1.74
C ASN A 150 -20.78 -5.66 -0.94
N LEU A 151 -19.93 -4.83 -1.56
CA LEU A 151 -19.26 -3.74 -0.85
C LEU A 151 -20.09 -2.47 -1.01
N TRP A 152 -20.14 -1.69 0.08
CA TRP A 152 -20.85 -0.40 0.11
C TRP A 152 -19.90 0.67 0.63
N ALA A 153 -20.03 1.89 0.09
CA ALA A 153 -19.14 3.00 0.40
C ALA A 153 -19.95 4.17 0.96
N LEU A 154 -19.28 4.98 1.79
CA LEU A 154 -19.86 6.21 2.30
C LEU A 154 -19.32 7.39 1.48
N HIS A 155 -20.22 8.05 0.75
CA HIS A 155 -19.87 9.24 -0.03
C HIS A 155 -20.30 10.48 0.74
N THR A 156 -19.38 11.45 0.86
CA THR A 156 -19.61 12.66 1.63
C THR A 156 -19.09 13.86 0.85
N ASN A 157 -19.54 15.06 1.23
CA ASN A 157 -19.17 16.30 0.57
C ASN A 157 -18.10 17.04 1.39
N ARG A 158 -17.61 16.41 2.47
CA ARG A 158 -16.54 16.96 3.29
C ARG A 158 -16.95 18.33 3.83
N PRO A 181 -24.18 22.75 4.07
CA PRO A 181 -24.58 21.51 3.40
C PRO A 181 -23.74 20.30 3.83
N ASP A 182 -24.42 19.25 4.30
CA ASP A 182 -23.76 18.03 4.76
C ASP A 182 -24.48 16.83 4.16
N PHE A 183 -24.27 16.62 2.86
CA PHE A 183 -24.87 15.49 2.15
C PHE A 183 -23.98 14.26 2.33
N ARG A 184 -24.53 13.24 3.01
CA ARG A 184 -23.80 12.00 3.29
C ARG A 184 -24.68 10.82 2.87
N THR A 185 -24.17 9.99 1.95
CA THR A 185 -24.94 8.92 1.35
C THR A 185 -24.11 7.64 1.33
N GLU A 186 -24.80 6.50 1.51
CA GLU A 186 -24.19 5.18 1.40
C GLU A 186 -24.59 4.55 0.07
N HIS A 187 -23.64 4.54 -0.88
CA HIS A 187 -23.86 3.93 -2.18
C HIS A 187 -23.25 2.54 -2.21
N PRO A 188 -23.75 1.63 -3.10
CA PRO A 188 -23.05 0.38 -3.38
C PRO A 188 -21.85 0.65 -4.29
N VAL A 189 -20.83 -0.20 -4.19
CA VAL A 189 -19.63 -0.04 -5.01
C VAL A 189 -19.92 -0.53 -6.43
N VAL A 190 -20.98 -1.34 -6.61
CA VAL A 190 -21.45 -1.72 -7.92
C VAL A 190 -22.93 -1.36 -8.04
N ARG A 191 -23.27 -0.61 -9.09
CA ARG A 191 -24.66 -0.30 -9.42
C ARG A 191 -24.97 -0.89 -10.79
N VAL A 192 -26.23 -1.31 -10.96
CA VAL A 192 -26.73 -1.77 -12.24
C VAL A 192 -27.26 -0.56 -13.00
N HIS A 193 -26.73 -0.35 -14.22
CA HIS A 193 -27.07 0.82 -15.01
C HIS A 193 -28.53 0.72 -15.48
N PRO A 194 -29.35 1.79 -15.31
CA PRO A 194 -30.78 1.72 -15.65
C PRO A 194 -31.10 1.42 -17.12
N GLU A 195 -30.27 1.92 -18.04
CA GLU A 195 -30.56 1.86 -19.47
C GLU A 195 -29.88 0.65 -20.11
N THR A 196 -28.58 0.52 -19.90
CA THR A 196 -27.78 -0.51 -20.56
C THR A 196 -27.92 -1.84 -19.83
N GLY A 197 -28.12 -1.78 -18.50
CA GLY A 197 -28.21 -2.98 -17.68
C GLY A 197 -26.84 -3.47 -17.21
N GLU A 198 -25.78 -2.75 -17.61
CA GLU A 198 -24.41 -3.13 -17.29
C GLU A 198 -24.11 -2.72 -15.85
N ARG A 199 -23.25 -3.51 -15.19
CA ARG A 199 -22.79 -3.21 -13.84
C ARG A 199 -21.54 -2.34 -13.94
N THR A 200 -21.53 -1.24 -13.17
CA THR A 200 -20.45 -0.27 -13.21
C THR A 200 -19.95 0.01 -11.80
N LEU A 201 -18.64 0.22 -11.66
CA LEU A 201 -18.02 0.53 -10.38
C LEU A 201 -18.39 1.95 -9.97
N LEU A 202 -18.65 2.13 -8.67
CA LEU A 202 -19.07 3.41 -8.12
C LEU A 202 -18.14 3.77 -6.96
N ALA A 203 -17.33 4.82 -7.16
CA ALA A 203 -16.36 5.25 -6.16
C ALA A 203 -16.07 6.74 -6.36
N GLY A 204 -14.79 7.09 -6.56
CA GLY A 204 -14.39 8.47 -6.79
C GLY A 204 -13.83 9.11 -5.52
N ASP A 205 -13.61 10.43 -5.59
CA ASP A 205 -12.89 11.17 -4.55
C ASP A 205 -13.80 11.38 -3.34
N PHE A 206 -15.12 11.29 -3.54
CA PHE A 206 -16.09 11.60 -2.50
C PHE A 206 -16.20 10.47 -1.47
N VAL A 207 -15.69 9.27 -1.82
CA VAL A 207 -15.72 8.12 -0.93
C VAL A 207 -14.90 8.43 0.32
N ARG A 208 -15.56 8.43 1.49
CA ARG A 208 -14.89 8.65 2.76
C ARG A 208 -14.34 7.32 3.28
N SER A 209 -15.14 6.25 3.16
CA SER A 209 -14.74 4.93 3.62
C SER A 209 -15.71 3.87 3.10
N PHE A 210 -15.35 2.59 3.28
CA PHE A 210 -16.22 1.48 2.96
C PHE A 210 -16.86 0.96 4.24
N VAL A 211 -18.12 0.51 4.11
CA VAL A 211 -18.93 0.11 5.25
C VAL A 211 -18.50 -1.30 5.67
N GLY A 212 -18.04 -1.43 6.94
CA GLY A 212 -17.60 -2.69 7.49
C GLY A 212 -16.09 -2.75 7.69
N LEU A 213 -15.34 -2.00 6.86
CA LEU A 213 -13.89 -2.04 6.86
C LEU A 213 -13.35 -0.84 7.65
N ASP A 214 -12.12 -0.97 8.16
CA ASP A 214 -11.49 0.07 8.94
C ASP A 214 -10.81 1.07 8.00
N SER A 215 -9.99 1.96 8.56
CA SER A 215 -9.37 3.05 7.81
C SER A 215 -8.37 2.52 6.79
N HIS A 216 -7.45 1.66 7.26
CA HIS A 216 -6.39 1.11 6.43
C HIS A 216 -6.98 0.29 5.27
N GLU A 217 -7.97 -0.55 5.59
CA GLU A 217 -8.57 -1.45 4.61
C GLU A 217 -9.38 -0.67 3.58
N SER A 218 -10.05 0.39 4.02
CA SER A 218 -10.82 1.24 3.12
C SER A 218 -9.90 1.85 2.07
N ARG A 219 -8.83 2.52 2.55
CA ARG A 219 -7.89 3.21 1.69
C ARG A 219 -7.23 2.23 0.73
N VAL A 220 -6.74 1.11 1.26
CA VAL A 220 -6.04 0.11 0.47
C VAL A 220 -6.93 -0.39 -0.67
N LEU A 221 -8.13 -0.87 -0.33
CA LEU A 221 -9.03 -1.47 -1.29
C LEU A 221 -9.54 -0.42 -2.27
N PHE A 222 -9.78 0.80 -1.77
CA PHE A 222 -10.18 1.92 -2.61
C PHE A 222 -9.15 2.14 -3.72
N GLU A 223 -7.86 2.18 -3.34
CA GLU A 223 -6.78 2.48 -4.26
C GLU A 223 -6.59 1.34 -5.26
N VAL A 224 -6.94 0.11 -4.84
CA VAL A 224 -6.84 -1.06 -5.71
C VAL A 224 -7.86 -0.93 -6.84
N LEU A 225 -9.08 -0.46 -6.51
CA LEU A 225 -10.14 -0.28 -7.48
C LEU A 225 -9.80 0.86 -8.43
N GLN A 226 -9.39 2.00 -7.85
CA GLN A 226 -9.09 3.21 -8.61
C GLN A 226 -7.97 2.97 -9.61
N ARG A 227 -7.02 2.08 -9.25
CA ARG A 227 -5.92 1.73 -10.14
C ARG A 227 -6.46 1.02 -11.39
N ARG A 228 -7.45 0.14 -11.20
CA ARG A 228 -8.01 -0.62 -12.30
C ARG A 228 -8.91 0.27 -13.18
N ILE A 229 -9.65 1.17 -12.53
CA ILE A 229 -10.56 2.06 -13.22
C ILE A 229 -9.79 3.03 -14.10
N THR A 230 -8.71 3.62 -13.55
CA THR A 230 -8.01 4.73 -14.18
C THR A 230 -6.79 4.24 -14.94
N MET A 231 -6.70 2.92 -15.17
CA MET A 231 -5.62 2.34 -15.95
C MET A 231 -5.66 2.96 -17.36
N PRO A 232 -4.52 3.45 -17.91
CA PRO A 232 -4.52 4.14 -19.20
C PRO A 232 -5.30 3.46 -20.33
N GLU A 233 -5.34 2.12 -20.33
CA GLU A 233 -6.04 1.36 -21.34
C GLU A 233 -7.55 1.59 -21.26
N ASN A 234 -8.04 2.03 -20.09
CA ASN A 234 -9.45 2.19 -19.84
C ASN A 234 -9.80 3.67 -19.69
N THR A 235 -9.01 4.54 -20.35
CA THR A 235 -9.18 5.98 -20.23
C THR A 235 -9.09 6.64 -21.60
N ILE A 236 -9.65 7.86 -21.68
CA ILE A 236 -9.52 8.72 -22.85
C ILE A 236 -9.16 10.12 -22.37
N ARG A 237 -8.19 10.75 -23.05
CA ARG A 237 -7.69 12.06 -22.66
C ARG A 237 -7.97 13.04 -23.80
N TRP A 238 -8.94 13.93 -23.58
CA TRP A 238 -9.42 14.84 -24.61
C TRP A 238 -8.61 16.13 -24.58
N ASN A 239 -8.07 16.52 -25.73
CA ASN A 239 -7.43 17.81 -25.92
C ASN A 239 -8.49 18.81 -26.37
N TRP A 240 -8.80 19.78 -25.49
CA TRP A 240 -9.85 20.74 -25.75
C TRP A 240 -9.42 21.74 -26.81
N ALA A 241 -10.20 21.80 -27.90
CA ALA A 241 -10.10 22.86 -28.90
C ALA A 241 -11.36 23.72 -28.82
N PRO A 242 -11.34 24.97 -29.32
CA PRO A 242 -12.53 25.83 -29.29
C PRO A 242 -13.73 25.20 -29.97
N GLY A 243 -14.90 25.30 -29.33
CA GLY A 243 -16.15 24.80 -29.87
C GLY A 243 -16.26 23.28 -29.83
N ASP A 244 -15.64 22.67 -28.81
CA ASP A 244 -15.78 21.23 -28.56
C ASP A 244 -16.84 21.02 -27.48
N VAL A 245 -17.51 19.87 -27.54
CA VAL A 245 -18.57 19.53 -26.59
C VAL A 245 -18.40 18.05 -26.19
N ALA A 246 -18.18 17.82 -24.89
CA ALA A 246 -18.08 16.48 -24.34
C ALA A 246 -19.40 16.11 -23.67
N ILE A 247 -19.80 14.85 -23.82
CA ILE A 247 -20.97 14.31 -23.13
C ILE A 247 -20.60 12.95 -22.56
N TRP A 248 -20.64 12.84 -21.22
CA TRP A 248 -20.23 11.62 -20.54
C TRP A 248 -21.39 11.04 -19.73
N ASP A 249 -21.45 9.71 -19.68
CA ASP A 249 -22.41 8.99 -18.87
C ASP A 249 -21.87 8.89 -17.45
N ASN A 250 -22.36 9.76 -16.57
CA ASN A 250 -21.82 9.90 -15.22
C ASN A 250 -22.12 8.65 -14.39
N ARG A 251 -23.10 7.85 -14.83
CA ARG A 251 -23.49 6.63 -14.15
C ARG A 251 -22.51 5.50 -14.46
N ALA A 252 -21.66 5.68 -15.47
CA ALA A 252 -20.76 4.62 -15.92
C ALA A 252 -19.37 5.17 -16.21
N THR A 253 -18.97 6.25 -15.53
CA THR A 253 -17.66 6.84 -15.74
C THR A 253 -17.14 7.53 -14.48
N GLN A 254 -15.83 7.77 -14.46
CA GLN A 254 -15.20 8.80 -13.65
C GLN A 254 -14.50 9.78 -14.60
N HIS A 255 -14.10 10.93 -14.06
CA HIS A 255 -13.34 11.92 -14.84
C HIS A 255 -12.40 12.69 -13.91
N ARG A 256 -11.48 13.43 -14.51
CA ARG A 256 -10.43 14.12 -13.79
C ARG A 256 -9.94 15.30 -14.62
N ALA A 257 -9.98 16.50 -14.02
CA ALA A 257 -9.36 17.68 -14.61
C ALA A 257 -7.84 17.56 -14.45
N ILE A 258 -7.10 18.17 -15.37
CA ILE A 258 -5.65 18.16 -15.33
C ILE A 258 -5.16 19.60 -15.25
N ASP A 259 -4.58 19.94 -14.09
CA ASP A 259 -4.01 21.27 -13.85
C ASP A 259 -2.60 21.30 -14.43
N ASP A 260 -2.51 21.37 -15.77
CA ASP A 260 -1.23 21.42 -16.47
C ASP A 260 -1.24 22.62 -17.41
N TYR A 261 -1.86 23.72 -16.99
CA TYR A 261 -1.90 24.95 -17.76
C TYR A 261 -1.44 26.10 -16.88
N ASP A 262 -0.59 25.78 -15.88
CA ASP A 262 -0.07 26.75 -14.93
C ASP A 262 -1.25 27.44 -14.25
N ASP A 263 -1.26 28.79 -14.25
CA ASP A 263 -2.32 29.56 -13.65
C ASP A 263 -3.02 30.39 -14.72
N GLN A 264 -3.32 29.74 -15.85
CA GLN A 264 -3.99 30.40 -16.97
C GLN A 264 -5.50 30.33 -16.76
N HIS A 265 -6.22 31.26 -17.39
CA HIS A 265 -7.67 31.32 -17.31
C HIS A 265 -8.28 30.20 -18.14
N ARG A 266 -9.28 29.52 -17.56
CA ARG A 266 -10.00 28.45 -18.23
C ARG A 266 -11.46 28.49 -17.78
N LEU A 267 -12.38 28.55 -18.74
CA LEU A 267 -13.81 28.63 -18.46
C LEU A 267 -14.53 27.50 -19.20
N MET A 268 -15.39 26.78 -18.47
CA MET A 268 -16.15 25.68 -19.02
C MET A 268 -17.60 25.81 -18.54
N HIS A 269 -18.56 25.74 -19.47
CA HIS A 269 -19.97 25.82 -19.14
C HIS A 269 -20.62 24.45 -19.27
N ARG A 270 -21.24 23.99 -18.16
CA ARG A 270 -21.78 22.64 -18.08
C ARG A 270 -23.29 22.70 -17.89
N VAL A 271 -23.99 21.70 -18.44
CA VAL A 271 -25.41 21.49 -18.20
C VAL A 271 -25.59 20.03 -17.77
N THR A 272 -25.75 19.83 -16.45
CA THR A 272 -25.86 18.50 -15.88
C THR A 272 -27.33 18.06 -15.90
N LEU A 273 -27.54 16.75 -16.09
CA LEU A 273 -28.87 16.19 -16.24
C LEU A 273 -29.24 15.37 -15.00
N MET A 274 -30.55 15.20 -14.79
CA MET A 274 -31.09 14.57 -13.60
C MET A 274 -30.92 13.06 -13.70
N GLY A 275 -30.54 12.43 -12.58
CA GLY A 275 -30.27 11.00 -12.55
C GLY A 275 -31.09 10.29 -11.46
N ASP A 276 -31.02 8.96 -11.47
CA ASP A 276 -31.78 8.11 -10.56
C ASP A 276 -30.87 7.64 -9.43
N VAL A 277 -31.48 6.94 -8.46
CA VAL A 277 -30.76 6.35 -7.34
C VAL A 277 -30.15 5.03 -7.81
N PRO A 278 -28.85 4.75 -7.51
CA PRO A 278 -28.23 3.47 -7.85
C PRO A 278 -28.83 2.29 -7.09
N VAL A 279 -28.81 1.11 -7.71
CA VAL A 279 -29.26 -0.13 -7.09
C VAL A 279 -28.23 -1.22 -7.39
N ASP A 280 -27.88 -2.00 -6.36
CA ASP A 280 -26.87 -3.04 -6.47
C ASP A 280 -27.47 -4.23 -7.24
N VAL A 281 -26.70 -5.31 -7.35
CA VAL A 281 -27.08 -6.48 -8.15
C VAL A 281 -28.33 -7.12 -7.55
N TYR A 282 -28.44 -7.12 -6.21
CA TYR A 282 -29.54 -7.76 -5.51
C TYR A 282 -30.78 -6.87 -5.55
N GLY A 283 -30.57 -5.57 -5.74
CA GLY A 283 -31.65 -4.63 -6.00
C GLY A 283 -31.99 -3.77 -4.78
N GLN A 284 -30.96 -3.20 -4.16
CA GLN A 284 -31.10 -2.39 -2.96
C GLN A 284 -30.64 -0.97 -3.25
N ALA A 285 -31.50 0.02 -2.96
CA ALA A 285 -31.23 1.41 -3.26
C ALA A 285 -30.23 1.99 -2.25
N SER A 286 -29.66 3.14 -2.61
CA SER A 286 -28.71 3.84 -1.76
C SER A 286 -29.44 4.50 -0.58
N ARG A 287 -28.72 4.70 0.53
CA ARG A 287 -29.31 5.19 1.75
C ARG A 287 -28.73 6.57 2.09
N VAL A 288 -29.62 7.56 2.22
CA VAL A 288 -29.23 8.91 2.59
C VAL A 288 -29.03 8.96 4.10
N ILE A 289 -27.78 9.13 4.54
CA ILE A 289 -27.45 9.22 5.95
C ILE A 289 -27.72 10.64 6.44
N SER A 290 -27.47 11.64 5.58
CA SER A 290 -27.71 13.03 5.89
C SER A 290 -28.17 13.79 4.65
N ILE B 8 11.58 26.32 -36.32
CA ILE B 8 11.92 27.64 -35.69
C ILE B 8 10.91 27.96 -34.59
N THR B 9 9.64 27.60 -34.80
CA THR B 9 8.60 27.77 -33.80
C THR B 9 8.60 26.57 -32.86
N VAL B 10 8.36 26.83 -31.57
CA VAL B 10 8.34 25.80 -30.55
C VAL B 10 7.10 26.00 -29.68
N LYS B 11 6.00 25.34 -30.06
CA LYS B 11 4.73 25.46 -29.36
C LYS B 11 4.70 24.50 -28.18
N LYS B 12 4.38 25.03 -27.00
CA LYS B 12 4.34 24.25 -25.77
C LYS B 12 3.00 23.50 -25.71
N LEU B 13 3.04 22.25 -25.21
CA LEU B 13 1.86 21.42 -25.13
C LEU B 13 1.33 21.37 -23.69
N GLY B 14 2.25 21.25 -22.73
CA GLY B 14 1.89 21.15 -21.32
C GLY B 14 2.72 22.08 -20.44
N SER B 15 2.43 22.06 -19.13
CA SER B 15 3.11 22.90 -18.16
C SER B 15 4.51 22.35 -17.84
N ARG B 16 4.62 21.02 -17.74
CA ARG B 16 5.84 20.38 -17.28
C ARG B 16 6.48 19.53 -18.38
N ILE B 17 5.72 19.16 -19.40
CA ILE B 17 6.24 18.30 -20.46
C ILE B 17 5.48 18.58 -21.76
N GLY B 18 6.13 18.30 -22.89
CA GLY B 18 5.50 18.32 -24.20
C GLY B 18 5.77 19.62 -24.94
N ALA B 19 6.06 19.49 -26.25
CA ALA B 19 6.26 20.63 -27.13
C ALA B 19 6.20 20.16 -28.58
N GLN B 20 5.50 20.94 -29.41
CA GLN B 20 5.42 20.66 -30.84
C GLN B 20 6.31 21.67 -31.57
N ILE B 21 7.00 21.19 -32.61
CA ILE B 21 7.95 22.01 -33.36
C ILE B 21 7.55 21.96 -34.84
N ASP B 22 7.13 23.11 -35.38
CA ASP B 22 6.71 23.23 -36.76
C ASP B 22 7.82 23.89 -37.57
N GLY B 23 7.69 23.82 -38.91
CA GLY B 23 8.60 24.49 -39.83
C GLY B 23 9.98 23.84 -39.87
N VAL B 24 10.02 22.50 -39.73
CA VAL B 24 11.26 21.74 -39.75
C VAL B 24 11.00 20.42 -40.46
N ARG B 25 11.54 20.28 -41.67
CA ARG B 25 11.51 19.02 -42.41
C ARG B 25 12.67 18.15 -41.96
N LEU B 26 12.36 17.10 -41.18
CA LEU B 26 13.37 16.23 -40.61
C LEU B 26 14.14 15.53 -41.73
N GLY B 27 15.47 15.58 -41.65
CA GLY B 27 16.33 14.99 -42.66
C GLY B 27 17.80 14.96 -42.23
N GLY B 28 18.64 14.36 -43.07
CA GLY B 28 20.07 14.21 -42.78
C GLY B 28 20.89 15.42 -43.23
N ASP B 29 20.26 16.32 -43.98
CA ASP B 29 20.91 17.54 -44.45
C ASP B 29 20.27 18.76 -43.79
N LEU B 30 19.99 18.64 -42.48
CA LEU B 30 19.42 19.73 -41.71
C LEU B 30 20.53 20.73 -41.36
N ASP B 31 20.14 22.00 -41.19
CA ASP B 31 21.07 23.05 -40.84
C ASP B 31 21.61 22.80 -39.43
N PRO B 32 22.92 23.04 -39.16
CA PRO B 32 23.48 22.88 -37.82
C PRO B 32 22.74 23.65 -36.74
N ALA B 33 22.31 24.87 -37.07
CA ALA B 33 21.58 25.73 -36.14
C ALA B 33 20.20 25.15 -35.84
N ALA B 34 19.62 24.47 -36.83
CA ALA B 34 18.30 23.85 -36.69
C ALA B 34 18.39 22.66 -35.73
N VAL B 35 19.53 21.97 -35.73
CA VAL B 35 19.77 20.84 -34.83
C VAL B 35 19.84 21.35 -33.39
N ASN B 36 20.44 22.53 -33.21
CA ASN B 36 20.58 23.14 -31.89
C ASN B 36 19.21 23.59 -31.37
N GLU B 37 18.36 24.10 -32.27
CA GLU B 37 17.01 24.50 -31.93
C GLU B 37 16.23 23.29 -31.41
N ILE B 38 16.39 22.15 -32.09
CA ILE B 38 15.73 20.91 -31.71
C ILE B 38 16.30 20.41 -30.38
N ARG B 39 17.63 20.37 -30.29
CA ARG B 39 18.32 19.89 -29.09
C ARG B 39 17.95 20.76 -27.89
N ALA B 40 17.82 22.08 -28.13
CA ALA B 40 17.46 23.02 -27.07
C ALA B 40 16.09 22.67 -26.50
N ALA B 41 15.11 22.46 -27.39
CA ALA B 41 13.74 22.17 -26.99
C ALA B 41 13.65 20.80 -26.31
N LEU B 42 14.38 19.83 -26.87
CA LEU B 42 14.35 18.46 -26.37
C LEU B 42 14.81 18.40 -24.91
N LEU B 43 15.81 19.22 -24.56
CA LEU B 43 16.34 19.27 -23.21
C LEU B 43 15.31 19.92 -22.27
N ALA B 44 14.68 21.00 -22.74
CA ALA B 44 13.77 21.79 -21.92
C ALA B 44 12.44 21.08 -21.74
N HIS B 45 11.88 20.58 -22.86
CA HIS B 45 10.51 20.07 -22.89
C HIS B 45 10.46 18.55 -22.79
N LYS B 46 11.64 17.89 -22.78
CA LYS B 46 11.78 16.48 -22.45
C LYS B 46 11.31 15.58 -23.60
N VAL B 47 10.15 15.90 -24.20
CA VAL B 47 9.70 15.23 -25.42
C VAL B 47 9.17 16.29 -26.39
N VAL B 48 9.56 16.17 -27.66
CA VAL B 48 9.11 17.07 -28.71
C VAL B 48 8.52 16.27 -29.85
N PHE B 49 7.59 16.89 -30.59
CA PHE B 49 6.81 16.20 -31.60
C PHE B 49 6.88 16.94 -32.93
N PHE B 50 6.90 16.17 -34.02
CA PHE B 50 6.87 16.70 -35.37
C PHE B 50 5.74 16.04 -36.14
N ARG B 51 4.99 16.83 -36.91
CA ARG B 51 3.87 16.33 -37.71
C ARG B 51 4.18 16.48 -39.20
N GLY B 52 3.49 15.68 -40.02
CA GLY B 52 3.53 15.80 -41.47
C GLY B 52 4.91 15.47 -42.05
N GLN B 53 5.56 14.44 -41.49
CA GLN B 53 6.89 14.03 -41.90
C GLN B 53 6.78 12.78 -42.78
N HIS B 54 6.07 12.93 -43.91
CA HIS B 54 5.75 11.81 -44.78
C HIS B 54 6.98 11.39 -45.59
N GLN B 55 7.90 12.34 -45.83
CA GLN B 55 9.07 12.09 -46.65
C GLN B 55 10.08 11.23 -45.88
N LEU B 56 10.08 11.35 -44.55
CA LEU B 56 11.06 10.69 -43.71
C LEU B 56 10.86 9.18 -43.75
N ASP B 57 11.74 8.49 -44.49
CA ASP B 57 11.77 7.03 -44.52
C ASP B 57 12.82 6.56 -43.51
N ASP B 58 13.11 5.25 -43.51
CA ASP B 58 14.04 4.65 -42.58
C ASP B 58 15.44 5.23 -42.80
N ALA B 59 15.90 5.24 -44.07
CA ALA B 59 17.22 5.69 -44.43
C ALA B 59 17.44 7.13 -43.98
N GLU B 60 16.42 7.97 -44.18
CA GLU B 60 16.49 9.39 -43.85
C GLU B 60 16.46 9.58 -42.34
N GLN B 61 15.77 8.69 -41.63
CA GLN B 61 15.61 8.80 -40.18
C GLN B 61 16.94 8.56 -39.48
N LEU B 62 17.70 7.56 -39.95
CA LEU B 62 19.01 7.23 -39.38
C LEU B 62 19.98 8.39 -39.57
N ALA B 63 19.89 9.07 -40.73
CA ALA B 63 20.74 10.20 -41.02
C ALA B 63 20.45 11.35 -40.06
N PHE B 64 19.16 11.61 -39.82
CA PHE B 64 18.72 12.66 -38.92
C PHE B 64 19.11 12.33 -37.48
N ALA B 65 19.03 11.04 -37.12
CA ALA B 65 19.38 10.57 -35.78
C ALA B 65 20.86 10.80 -35.51
N GLY B 66 21.69 10.70 -36.55
CA GLY B 66 23.13 10.86 -36.44
C GLY B 66 23.56 12.29 -36.11
N LEU B 67 22.65 13.26 -36.28
CA LEU B 67 22.92 14.64 -35.95
C LEU B 67 22.84 14.87 -34.45
N LEU B 68 21.84 14.25 -33.80
CA LEU B 68 21.61 14.42 -32.37
C LEU B 68 22.67 13.65 -31.58
N GLY B 69 22.90 12.39 -31.95
CA GLY B 69 23.82 11.53 -31.22
C GLY B 69 24.33 10.37 -32.08
N THR B 70 24.48 9.20 -31.45
CA THR B 70 25.11 8.04 -32.06
C THR B 70 24.11 6.89 -32.13
N PRO B 71 23.52 6.59 -33.31
CA PRO B 71 22.68 5.41 -33.50
C PRO B 71 23.39 4.11 -33.11
N ILE B 72 22.68 3.24 -32.38
CA ILE B 72 23.23 2.00 -31.88
C ILE B 72 23.27 0.98 -33.03
N ASN B 98 1.25 -2.25 -22.10
CA ASN B 98 2.65 -1.83 -21.85
C ASN B 98 2.69 -1.02 -20.55
N ARG B 99 3.86 -1.02 -19.90
CA ARG B 99 4.00 -0.44 -18.57
C ARG B 99 5.05 0.68 -18.60
N TRP B 100 4.86 1.69 -17.73
CA TRP B 100 5.78 2.80 -17.61
C TRP B 100 7.22 2.29 -17.48
N HIS B 101 8.13 2.85 -18.29
CA HIS B 101 9.52 2.44 -18.27
C HIS B 101 10.42 3.55 -18.78
N THR B 102 11.71 3.42 -18.45
CA THR B 102 12.79 4.09 -19.17
C THR B 102 13.59 3.01 -19.90
N ASP B 103 13.85 3.23 -21.19
CA ASP B 103 14.29 2.16 -22.09
C ASP B 103 15.61 1.57 -21.61
N VAL B 104 15.63 0.24 -21.47
CA VAL B 104 16.84 -0.57 -21.33
C VAL B 104 17.66 -0.09 -20.13
N THR B 105 16.99 0.15 -18.99
CA THR B 105 17.67 0.58 -17.78
C THR B 105 18.31 -0.62 -17.07
N PHE B 106 18.00 -1.84 -17.53
CA PHE B 106 18.71 -3.03 -17.08
C PHE B 106 20.18 -2.95 -17.49
N ALA B 107 20.47 -2.23 -18.59
CA ALA B 107 21.83 -1.94 -19.00
C ALA B 107 22.34 -0.69 -18.26
N ALA B 108 23.67 -0.57 -18.16
CA ALA B 108 24.30 0.47 -17.37
C ALA B 108 24.32 1.79 -18.14
N ASN B 109 24.82 1.74 -19.38
CA ASN B 109 24.86 2.92 -20.25
C ASN B 109 23.61 2.90 -21.13
N TYR B 110 22.45 3.18 -20.52
CA TYR B 110 21.17 3.08 -21.19
C TYR B 110 20.94 4.35 -22.02
N PRO B 111 20.16 4.27 -23.12
CA PRO B 111 20.10 5.33 -24.13
C PRO B 111 19.83 6.74 -23.61
N ALA B 112 20.31 7.73 -24.38
CA ALA B 112 20.14 9.14 -24.05
C ALA B 112 18.82 9.65 -24.62
N ALA B 113 18.44 9.14 -25.80
CA ALA B 113 17.20 9.53 -26.46
C ALA B 113 16.87 8.54 -27.58
N SER B 114 15.64 8.66 -28.11
CA SER B 114 15.18 7.84 -29.22
C SER B 114 14.44 8.70 -30.23
N VAL B 115 14.25 8.16 -31.44
CA VAL B 115 13.54 8.84 -32.51
C VAL B 115 12.52 7.86 -33.10
N LEU B 116 11.26 8.00 -32.69
CA LEU B 116 10.20 7.08 -33.09
C LEU B 116 9.34 7.72 -34.18
N ARG B 117 9.20 7.01 -35.31
CA ARG B 117 8.37 7.47 -36.43
C ARG B 117 7.18 6.52 -36.59
N ALA B 118 6.01 7.09 -36.91
CA ALA B 118 4.82 6.31 -37.16
C ALA B 118 4.78 5.89 -38.63
N VAL B 119 4.67 4.57 -38.86
CA VAL B 119 4.58 4.02 -40.21
C VAL B 119 3.21 3.37 -40.43
N SER B 120 2.68 2.69 -39.40
CA SER B 120 1.36 2.08 -39.46
C SER B 120 0.65 2.25 -38.12
N LEU B 121 -0.54 2.87 -38.16
CA LEU B 121 -1.31 3.16 -36.97
C LEU B 121 -2.65 2.43 -37.03
N PRO B 122 -3.26 2.09 -35.87
CA PRO B 122 -4.61 1.51 -35.85
C PRO B 122 -5.68 2.55 -36.19
N SER B 123 -6.90 2.07 -36.43
CA SER B 123 -8.03 2.93 -36.77
C SER B 123 -8.46 3.76 -35.56
N TYR B 124 -8.22 3.23 -34.36
CA TYR B 124 -8.51 3.96 -33.12
C TYR B 124 -7.53 3.54 -32.03
N GLY B 125 -7.23 4.47 -31.13
CA GLY B 125 -6.37 4.22 -29.98
C GLY B 125 -4.90 4.04 -30.39
N GLY B 126 -4.08 3.63 -29.42
CA GLY B 126 -2.66 3.36 -29.64
C GLY B 126 -1.78 4.57 -29.34
N SER B 127 -2.25 5.46 -28.45
CA SER B 127 -1.49 6.63 -28.05
C SER B 127 -0.34 6.21 -27.14
N THR B 128 0.56 7.15 -26.86
CA THR B 128 1.71 6.90 -26.01
C THR B 128 1.81 8.01 -24.96
N LEU B 129 2.27 7.62 -23.75
CA LEU B 129 2.39 8.53 -22.62
C LEU B 129 3.87 8.81 -22.35
N TRP B 130 4.16 10.04 -21.89
CA TRP B 130 5.49 10.41 -21.44
C TRP B 130 5.39 11.09 -20.08
N ALA B 131 6.44 10.94 -19.27
CA ALA B 131 6.48 11.51 -17.93
C ALA B 131 7.80 12.27 -17.75
N ASN B 132 7.75 13.39 -17.02
CA ASN B 132 8.91 14.23 -16.79
C ASN B 132 9.51 13.89 -15.43
N THR B 133 10.63 13.17 -15.44
CA THR B 133 11.26 12.69 -14.22
C THR B 133 12.16 13.75 -13.61
N ALA B 134 12.50 14.79 -14.39
CA ALA B 134 13.25 15.93 -13.89
C ALA B 134 12.35 16.80 -13.03
N ALA B 135 11.11 17.00 -13.49
CA ALA B 135 10.10 17.76 -12.75
C ALA B 135 9.59 16.94 -11.58
N ALA B 136 9.60 15.61 -11.72
CA ALA B 136 9.19 14.71 -10.66
C ALA B 136 10.06 14.94 -9.42
N TYR B 137 11.39 14.88 -9.62
CA TYR B 137 12.33 15.15 -8.55
C TYR B 137 12.15 16.56 -8.02
N ALA B 138 12.10 17.53 -8.93
CA ALA B 138 12.02 18.94 -8.58
C ALA B 138 10.87 19.20 -7.60
N GLU B 139 9.75 18.50 -7.80
CA GLU B 139 8.55 18.67 -6.99
C GLU B 139 8.40 17.51 -6.01
N LEU B 140 9.52 17.12 -5.37
CA LEU B 140 9.48 16.22 -4.23
C LEU B 140 9.57 17.05 -2.95
N PRO B 141 8.83 16.69 -1.88
CA PRO B 141 9.13 17.18 -0.53
C PRO B 141 10.59 16.88 -0.16
N GLU B 142 11.19 17.74 0.66
CA GLU B 142 12.60 17.63 1.02
C GLU B 142 12.88 16.22 1.55
N PRO B 143 12.00 15.63 2.41
CA PRO B 143 12.16 14.23 2.83
C PRO B 143 12.32 13.23 1.70
N LEU B 144 11.52 13.38 0.63
CA LEU B 144 11.53 12.45 -0.49
C LEU B 144 12.76 12.68 -1.37
N LYS B 145 13.28 13.91 -1.36
CA LYS B 145 14.56 14.20 -2.00
C LYS B 145 15.67 13.49 -1.23
N CYS B 146 15.69 13.71 0.09
CA CYS B 146 16.65 13.09 1.00
C CYS B 146 16.70 11.59 0.74
N LEU B 147 15.52 10.97 0.62
CA LEU B 147 15.37 9.54 0.39
C LEU B 147 16.00 9.16 -0.95
N THR B 148 15.46 9.74 -2.03
CA THR B 148 15.74 9.31 -3.39
C THR B 148 17.21 9.53 -3.75
N GLU B 149 17.81 10.61 -3.22
CA GLU B 149 19.21 10.93 -3.46
C GLU B 149 20.11 9.78 -2.99
N ASN B 150 19.72 9.15 -1.86
CA ASN B 150 20.53 8.12 -1.24
C ASN B 150 20.02 6.73 -1.60
N LEU B 151 18.91 6.65 -2.34
CA LEU B 151 18.29 5.38 -2.69
C LEU B 151 18.88 4.87 -4.01
N TRP B 152 19.10 3.55 -4.07
CA TRP B 152 19.59 2.87 -5.26
C TRP B 152 18.64 1.73 -5.62
N ALA B 153 18.52 1.45 -6.93
CA ALA B 153 17.61 0.43 -7.42
C ALA B 153 18.36 -0.59 -8.26
N LEU B 154 17.91 -1.85 -8.21
CA LEU B 154 18.41 -2.91 -9.07
C LEU B 154 17.48 -3.01 -10.28
N HIS B 155 18.05 -2.82 -11.47
CA HIS B 155 17.32 -2.96 -12.73
C HIS B 155 17.74 -4.26 -13.41
N THR B 156 16.77 -4.98 -14.00
CA THR B 156 17.07 -6.22 -14.68
C THR B 156 16.05 -6.48 -15.79
N ASN B 157 16.40 -7.41 -16.69
CA ASN B 157 15.59 -7.74 -17.85
C ASN B 157 14.63 -8.89 -17.52
N ARG B 158 15.10 -9.84 -16.69
CA ARG B 158 14.29 -10.97 -16.27
C ARG B 158 13.66 -10.67 -14.90
N PRO B 181 20.12 -14.11 -22.15
CA PRO B 181 20.34 -12.73 -21.67
C PRO B 181 20.11 -12.62 -20.16
N ASP B 182 21.01 -11.89 -19.49
CA ASP B 182 20.94 -11.74 -18.04
C ASP B 182 21.65 -10.45 -17.65
N PHE B 183 20.91 -9.33 -17.71
CA PHE B 183 21.41 -8.03 -17.36
C PHE B 183 20.92 -7.64 -15.97
N ARG B 184 21.85 -7.21 -15.11
CA ARG B 184 21.50 -6.75 -13.77
C ARG B 184 22.42 -5.57 -13.43
N THR B 185 21.80 -4.43 -13.06
CA THR B 185 22.53 -3.18 -12.87
C THR B 185 21.93 -2.41 -11.69
N GLU B 186 22.81 -1.95 -10.79
CA GLU B 186 22.42 -1.10 -9.68
C GLU B 186 22.56 0.37 -10.08
N HIS B 187 21.43 1.04 -10.26
CA HIS B 187 21.40 2.45 -10.63
C HIS B 187 21.06 3.31 -9.42
N PRO B 188 21.52 4.58 -9.38
CA PRO B 188 21.01 5.55 -8.42
C PRO B 188 19.61 5.99 -8.82
N VAL B 189 18.71 6.13 -7.84
CA VAL B 189 17.33 6.50 -8.10
C VAL B 189 17.28 7.95 -8.60
N VAL B 190 18.16 8.80 -8.07
CA VAL B 190 18.33 10.15 -8.60
C VAL B 190 19.69 10.22 -9.31
N ARG B 191 19.65 10.48 -10.62
CA ARG B 191 20.85 10.71 -11.39
C ARG B 191 20.94 12.20 -11.75
N VAL B 192 22.17 12.69 -11.93
CA VAL B 192 22.42 14.05 -12.40
C VAL B 192 22.56 13.99 -13.92
N HIS B 193 21.71 14.75 -14.63
CA HIS B 193 21.72 14.79 -16.08
C HIS B 193 23.01 15.45 -16.55
N PRO B 194 23.79 14.80 -17.46
CA PRO B 194 25.08 15.35 -17.88
C PRO B 194 25.02 16.74 -18.51
N GLU B 195 24.08 16.94 -19.44
CA GLU B 195 24.00 18.16 -20.24
C GLU B 195 23.33 19.28 -19.44
N THR B 196 22.09 19.02 -19.00
CA THR B 196 21.27 20.05 -18.37
C THR B 196 21.69 20.25 -16.91
N GLY B 197 22.28 19.21 -16.31
CA GLY B 197 22.73 19.29 -14.92
C GLY B 197 21.59 19.12 -13.93
N GLU B 198 20.40 18.75 -14.42
CA GLU B 198 19.22 18.58 -13.58
C GLU B 198 19.23 17.17 -13.00
N ARG B 199 18.68 17.04 -11.77
CA ARG B 199 18.55 15.76 -11.11
C ARG B 199 17.22 15.13 -11.55
N THR B 200 17.28 13.85 -11.95
CA THR B 200 16.12 13.17 -12.52
C THR B 200 15.95 11.80 -11.87
N LEU B 201 14.68 11.42 -11.64
CA LEU B 201 14.33 10.14 -11.04
C LEU B 201 14.54 9.02 -12.06
N LEU B 202 15.19 7.94 -11.62
CA LEU B 202 15.47 6.79 -12.46
C LEU B 202 14.84 5.54 -11.85
N ALA B 203 13.68 5.16 -12.38
CA ALA B 203 12.95 3.99 -11.92
C ALA B 203 12.38 3.25 -13.13
N GLY B 204 11.11 2.83 -13.05
CA GLY B 204 10.42 2.21 -14.17
C GLY B 204 10.22 0.71 -13.96
N ASP B 205 9.67 0.06 -14.98
CA ASP B 205 9.24 -1.33 -14.92
C ASP B 205 10.43 -2.26 -14.70
N PHE B 206 11.61 -1.88 -15.21
CA PHE B 206 12.79 -2.72 -15.16
C PHE B 206 13.34 -2.81 -13.74
N VAL B 207 12.88 -1.93 -12.84
CA VAL B 207 13.25 -1.99 -11.44
C VAL B 207 12.77 -3.31 -10.85
N ARG B 208 13.54 -3.85 -9.91
CA ARG B 208 13.23 -5.12 -9.28
C ARG B 208 13.14 -4.93 -7.76
N SER B 209 14.19 -4.33 -7.20
CA SER B 209 14.23 -4.01 -5.77
C SER B 209 15.05 -2.75 -5.55
N PHE B 210 14.89 -2.14 -4.36
CA PHE B 210 15.79 -1.11 -3.88
C PHE B 210 16.80 -1.75 -2.94
N VAL B 211 18.07 -1.30 -3.02
CA VAL B 211 19.15 -1.88 -2.27
C VAL B 211 19.01 -1.47 -0.80
N GLY B 212 19.06 -2.47 0.09
CA GLY B 212 18.99 -2.25 1.54
C GLY B 212 17.60 -2.49 2.10
N LEU B 213 16.57 -2.41 1.25
CA LEU B 213 15.18 -2.51 1.66
C LEU B 213 14.64 -3.91 1.33
N ASP B 214 13.58 -4.31 2.04
CA ASP B 214 12.94 -5.60 1.83
C ASP B 214 11.87 -5.45 0.73
N SER B 215 11.24 -6.57 0.38
CA SER B 215 10.29 -6.63 -0.73
C SER B 215 9.13 -5.66 -0.52
N HIS B 216 8.61 -5.59 0.71
CA HIS B 216 7.44 -4.78 1.01
C HIS B 216 7.78 -3.29 0.87
N GLU B 217 8.92 -2.89 1.44
CA GLU B 217 9.35 -1.49 1.41
C GLU B 217 9.64 -1.06 -0.02
N SER B 218 10.35 -1.92 -0.76
CA SER B 218 10.72 -1.65 -2.14
C SER B 218 9.47 -1.33 -2.96
N ARG B 219 8.51 -2.26 -2.99
CA ARG B 219 7.31 -2.13 -3.79
C ARG B 219 6.49 -0.92 -3.34
N VAL B 220 6.44 -0.70 -2.02
CA VAL B 220 5.72 0.42 -1.45
C VAL B 220 6.33 1.74 -1.96
N LEU B 221 7.63 1.92 -1.75
CA LEU B 221 8.30 3.16 -2.09
C LEU B 221 8.38 3.33 -3.61
N PHE B 222 8.53 2.21 -4.33
CA PHE B 222 8.53 2.23 -5.79
C PHE B 222 7.23 2.84 -6.30
N GLU B 223 6.10 2.41 -5.74
CA GLU B 223 4.78 2.84 -6.20
C GLU B 223 4.53 4.29 -5.82
N VAL B 224 5.13 4.75 -4.72
CA VAL B 224 4.98 6.13 -4.27
C VAL B 224 5.63 7.06 -5.28
N LEU B 225 6.83 6.69 -5.75
CA LEU B 225 7.59 7.50 -6.69
C LEU B 225 6.90 7.48 -8.07
N GLN B 226 6.50 6.28 -8.52
CA GLN B 226 5.87 6.12 -9.81
C GLN B 226 4.56 6.90 -9.88
N ARG B 227 3.88 7.03 -8.73
CA ARG B 227 2.64 7.79 -8.65
C ARG B 227 2.90 9.26 -8.93
N ARG B 228 4.04 9.78 -8.45
CA ARG B 228 4.39 11.18 -8.60
C ARG B 228 4.92 11.44 -10.01
N ILE B 229 5.64 10.46 -10.57
CA ILE B 229 6.24 10.58 -11.89
C ILE B 229 5.15 10.57 -12.97
N THR B 230 4.16 9.69 -12.80
CA THR B 230 3.16 9.43 -13.83
C THR B 230 1.86 10.17 -13.56
N MET B 231 1.90 11.15 -12.64
CA MET B 231 0.73 11.93 -12.29
C MET B 231 0.31 12.74 -13.51
N PRO B 232 -0.99 12.73 -13.91
CA PRO B 232 -1.45 13.41 -15.14
C PRO B 232 -0.88 14.80 -15.41
N GLU B 233 -0.69 15.60 -14.34
CA GLU B 233 -0.20 16.96 -14.48
C GLU B 233 1.28 16.98 -14.90
N ASN B 234 1.92 15.80 -14.93
CA ASN B 234 3.34 15.69 -15.21
C ASN B 234 3.57 14.84 -16.45
N THR B 235 2.51 14.62 -17.25
CA THR B 235 2.58 13.71 -18.38
C THR B 235 1.95 14.32 -19.63
N ILE B 236 2.38 13.84 -20.80
CA ILE B 236 1.78 14.17 -22.07
C ILE B 236 1.28 12.87 -22.71
N ARG B 237 0.18 12.98 -23.47
CA ARG B 237 -0.42 11.84 -24.14
C ARG B 237 -0.61 12.18 -25.61
N TRP B 238 0.23 11.59 -26.47
CA TRP B 238 0.27 11.95 -27.89
C TRP B 238 -0.60 10.99 -28.69
N ASN B 239 -1.58 11.56 -29.40
CA ASN B 239 -2.40 10.81 -30.35
C ASN B 239 -1.68 10.78 -31.69
N TRP B 240 -1.33 9.57 -32.14
CA TRP B 240 -0.52 9.39 -33.34
C TRP B 240 -1.35 9.63 -34.59
N ALA B 241 -0.80 10.42 -35.52
CA ALA B 241 -1.34 10.58 -36.86
C ALA B 241 -0.28 10.15 -37.86
N PRO B 242 -0.67 9.69 -39.09
CA PRO B 242 0.30 9.27 -40.10
C PRO B 242 1.39 10.31 -40.35
N GLY B 243 2.65 9.85 -40.30
CA GLY B 243 3.80 10.71 -40.56
C GLY B 243 4.10 11.65 -39.40
N ASP B 244 4.03 11.13 -38.17
CA ASP B 244 4.43 11.86 -36.98
C ASP B 244 5.77 11.32 -36.49
N VAL B 245 6.52 12.17 -35.79
CA VAL B 245 7.80 11.79 -35.21
C VAL B 245 7.85 12.30 -33.77
N ALA B 246 8.38 11.46 -32.87
CA ALA B 246 8.55 11.81 -31.47
C ALA B 246 10.00 11.58 -31.06
N ILE B 247 10.58 12.56 -30.37
CA ILE B 247 11.93 12.46 -29.83
C ILE B 247 11.87 12.84 -28.35
N TRP B 248 12.39 11.95 -27.49
CA TRP B 248 12.30 12.15 -26.05
C TRP B 248 13.67 12.00 -25.41
N ASP B 249 13.90 12.78 -24.34
CA ASP B 249 15.13 12.72 -23.56
C ASP B 249 14.99 11.59 -22.54
N ASN B 250 15.57 10.43 -22.86
CA ASN B 250 15.38 9.21 -22.09
C ASN B 250 16.05 9.32 -20.73
N ARG B 251 16.96 10.30 -20.58
CA ARG B 251 17.65 10.54 -19.32
C ARG B 251 16.85 11.48 -18.42
N ALA B 252 15.64 11.87 -18.86
CA ALA B 252 14.78 12.71 -18.04
C ALA B 252 13.30 12.41 -18.32
N THR B 253 12.99 11.16 -18.68
CA THR B 253 11.61 10.76 -18.95
C THR B 253 11.39 9.27 -18.67
N GLN B 254 10.12 8.94 -18.38
CA GLN B 254 9.58 7.62 -18.58
C GLN B 254 8.52 7.70 -19.68
N HIS B 255 8.18 6.55 -20.27
CA HIS B 255 7.15 6.49 -21.30
C HIS B 255 6.39 5.18 -21.19
N ARG B 256 5.21 5.13 -21.83
CA ARG B 256 4.31 4.01 -21.72
C ARG B 256 3.43 3.95 -22.97
N ALA B 257 3.33 2.74 -23.56
CA ALA B 257 2.38 2.49 -24.64
C ALA B 257 1.03 2.14 -24.04
N ILE B 258 -0.04 2.54 -24.75
CA ILE B 258 -1.40 2.26 -24.31
C ILE B 258 -2.01 1.25 -25.28
N ASP B 259 -2.25 0.03 -24.79
CA ASP B 259 -2.80 -1.05 -25.59
C ASP B 259 -4.33 -0.95 -25.56
N ASP B 260 -4.87 0.06 -26.27
CA ASP B 260 -6.29 0.33 -26.29
C ASP B 260 -6.78 0.37 -27.73
N TYR B 261 -6.28 -0.57 -28.54
CA TYR B 261 -6.66 -0.66 -29.95
C TYR B 261 -7.00 -2.11 -30.31
N ASP B 262 -7.33 -2.93 -29.30
CA ASP B 262 -7.66 -4.33 -29.49
C ASP B 262 -6.48 -5.02 -30.19
N ASP B 263 -6.74 -6.18 -30.80
CA ASP B 263 -5.72 -6.91 -31.55
C ASP B 263 -5.64 -6.35 -32.96
N GLN B 264 -5.03 -5.16 -33.09
CA GLN B 264 -4.84 -4.52 -34.38
C GLN B 264 -3.34 -4.32 -34.64
N HIS B 265 -3.03 -4.01 -35.90
CA HIS B 265 -1.65 -3.81 -36.35
C HIS B 265 -1.19 -2.40 -36.01
N ARG B 266 -0.04 -2.32 -35.32
CA ARG B 266 0.61 -1.04 -35.04
C ARG B 266 2.11 -1.22 -35.20
N LEU B 267 2.71 -0.45 -36.12
CA LEU B 267 4.14 -0.50 -36.39
C LEU B 267 4.72 0.91 -36.35
N MET B 268 5.89 1.05 -35.71
CA MET B 268 6.65 2.28 -35.71
C MET B 268 8.14 1.94 -35.65
N HIS B 269 8.90 2.43 -36.63
CA HIS B 269 10.35 2.23 -36.65
C HIS B 269 11.00 3.21 -35.67
N ARG B 270 11.99 2.72 -34.92
CA ARG B 270 12.68 3.51 -33.91
C ARG B 270 14.17 3.57 -34.24
N VAL B 271 14.80 4.67 -33.83
CA VAL B 271 16.25 4.80 -33.85
C VAL B 271 16.69 5.33 -32.48
N THR B 272 17.56 4.56 -31.80
CA THR B 272 17.98 4.85 -30.43
C THR B 272 19.39 5.45 -30.44
N LEU B 273 19.55 6.55 -29.69
CA LEU B 273 20.84 7.20 -29.55
C LEU B 273 21.55 6.66 -28.31
N MET B 274 22.87 6.48 -28.42
CA MET B 274 23.68 5.89 -27.37
C MET B 274 23.71 6.85 -26.18
N GLY B 275 23.68 6.29 -24.95
CA GLY B 275 23.66 7.07 -23.73
C GLY B 275 24.90 6.84 -22.88
N ASP B 276 24.91 7.43 -21.68
CA ASP B 276 26.04 7.37 -20.76
C ASP B 276 25.62 6.68 -19.48
N VAL B 277 26.62 6.30 -18.67
CA VAL B 277 26.39 5.65 -17.39
C VAL B 277 25.98 6.71 -16.37
N PRO B 278 24.80 6.57 -15.72
CA PRO B 278 24.35 7.55 -14.72
C PRO B 278 25.31 7.75 -13.54
N VAL B 279 25.22 8.92 -12.91
CA VAL B 279 25.96 9.24 -11.71
C VAL B 279 25.03 9.97 -10.74
N ASP B 280 25.17 9.66 -9.44
CA ASP B 280 24.34 10.25 -8.41
C ASP B 280 24.85 11.67 -8.10
N VAL B 281 24.21 12.33 -7.12
CA VAL B 281 24.55 13.68 -6.75
C VAL B 281 25.93 13.73 -6.09
N TYR B 282 26.38 12.59 -5.55
CA TYR B 282 27.70 12.48 -4.94
C TYR B 282 28.77 12.24 -6.01
N GLY B 283 28.35 11.69 -7.15
CA GLY B 283 29.24 11.42 -8.27
C GLY B 283 29.73 9.98 -8.28
N GLN B 284 28.78 9.04 -8.14
CA GLN B 284 29.08 7.61 -8.09
C GLN B 284 28.42 6.93 -9.28
N ALA B 285 29.23 6.25 -10.10
CA ALA B 285 28.74 5.58 -11.30
C ALA B 285 27.91 4.35 -10.91
N SER B 286 27.04 3.92 -11.83
CA SER B 286 26.17 2.78 -11.62
C SER B 286 26.98 1.49 -11.66
N ARG B 287 26.61 0.52 -10.81
CA ARG B 287 27.36 -0.72 -10.66
C ARG B 287 26.73 -1.79 -11.54
N VAL B 288 27.59 -2.59 -12.19
CA VAL B 288 27.15 -3.67 -13.06
C VAL B 288 27.34 -5.00 -12.33
N ILE B 289 26.25 -5.76 -12.20
CA ILE B 289 26.28 -7.06 -11.54
C ILE B 289 26.53 -8.13 -12.62
N SER B 290 25.66 -8.16 -13.63
CA SER B 290 25.80 -9.10 -14.74
C SER B 290 25.46 -8.41 -16.05
N GLY B 291 26.02 -8.94 -17.15
CA GLY B 291 25.84 -8.36 -18.47
C GLY B 291 26.88 -7.29 -18.76
N ALA B 292 26.98 -6.89 -20.03
CA ALA B 292 27.95 -5.90 -20.48
C ALA B 292 27.24 -4.58 -20.79
N PRO B 293 27.99 -3.48 -21.02
CA PRO B 293 27.41 -2.24 -21.53
C PRO B 293 26.98 -2.38 -22.99
N MET B 294 26.12 -1.45 -23.44
CA MET B 294 25.67 -1.42 -24.83
C MET B 294 26.77 -0.83 -25.70
N GLU B 295 26.85 -1.30 -26.95
CA GLU B 295 27.96 -1.01 -27.84
C GLU B 295 27.47 -0.40 -29.15
N ILE B 296 28.42 -0.01 -30.01
CA ILE B 296 28.17 0.58 -31.31
C ILE B 296 27.40 1.89 -31.14
N ILE C 8 -8.37 -33.50 34.16
CA ILE C 8 -7.63 -32.72 33.12
C ILE C 8 -8.32 -31.36 32.96
N THR C 9 -7.77 -30.34 33.65
CA THR C 9 -8.29 -28.98 33.56
C THR C 9 -7.69 -28.30 32.34
N VAL C 10 -8.39 -27.26 31.85
CA VAL C 10 -7.95 -26.50 30.70
C VAL C 10 -8.20 -25.02 30.96
N LYS C 11 -7.11 -24.28 31.19
CA LYS C 11 -7.16 -22.85 31.49
C LYS C 11 -7.08 -22.07 30.18
N LYS C 12 -7.92 -21.03 30.06
CA LYS C 12 -7.96 -20.19 28.87
C LYS C 12 -6.88 -19.13 28.98
N LEU C 13 -6.22 -18.82 27.85
CA LEU C 13 -5.12 -17.86 27.83
C LEU C 13 -5.56 -16.57 27.17
N GLY C 14 -6.20 -16.69 26.00
CA GLY C 14 -6.71 -15.53 25.27
C GLY C 14 -8.15 -15.74 24.80
N SER C 15 -8.78 -14.64 24.37
CA SER C 15 -10.17 -14.66 23.96
C SER C 15 -10.37 -15.54 22.74
N ARG C 16 -9.47 -15.43 21.75
CA ARG C 16 -9.66 -16.05 20.45
C ARG C 16 -8.69 -17.20 20.23
N ILE C 17 -7.68 -17.35 21.10
CA ILE C 17 -6.68 -18.39 20.93
C ILE C 17 -5.97 -18.65 22.24
N GLY C 18 -5.45 -19.88 22.39
CA GLY C 18 -4.54 -20.23 23.47
C GLY C 18 -5.28 -20.82 24.66
N ALA C 19 -4.72 -21.90 25.22
CA ALA C 19 -5.25 -22.54 26.41
C ALA C 19 -4.22 -23.50 26.99
N GLN C 20 -3.87 -23.29 28.27
CA GLN C 20 -2.95 -24.17 28.97
C GLN C 20 -3.72 -25.36 29.51
N ILE C 21 -3.05 -26.53 29.59
CA ILE C 21 -3.65 -27.75 30.08
C ILE C 21 -2.79 -28.28 31.22
N ASP C 22 -3.44 -28.62 32.34
CA ASP C 22 -2.76 -29.11 33.53
C ASP C 22 -3.29 -30.48 33.91
N GLY C 23 -2.55 -31.16 34.80
CA GLY C 23 -2.93 -32.47 35.30
C GLY C 23 -2.79 -33.58 34.25
N VAL C 24 -1.76 -33.44 33.40
CA VAL C 24 -1.52 -34.39 32.33
C VAL C 24 -0.02 -34.66 32.23
N ARG C 25 0.35 -35.95 32.18
CA ARG C 25 1.72 -36.36 31.93
C ARG C 25 1.78 -36.99 30.54
N LEU C 26 2.43 -36.28 29.60
CA LEU C 26 2.49 -36.71 28.21
C LEU C 26 3.39 -37.94 28.09
N GLY C 27 2.98 -38.88 27.23
CA GLY C 27 3.72 -40.11 27.01
C GLY C 27 2.86 -41.16 26.30
N GLY C 28 3.50 -42.26 25.91
CA GLY C 28 2.81 -43.37 25.26
C GLY C 28 1.69 -43.94 26.13
N ASP C 29 1.97 -44.09 27.43
CA ASP C 29 1.00 -44.58 28.39
C ASP C 29 0.02 -43.47 28.74
N LEU C 30 -0.99 -43.27 27.87
CA LEU C 30 -2.03 -42.28 28.08
C LEU C 30 -3.39 -42.91 27.83
N ASP C 31 -4.39 -42.45 28.62
CA ASP C 31 -5.74 -42.97 28.54
C ASP C 31 -6.41 -42.42 27.28
N PRO C 32 -7.06 -43.27 26.45
CA PRO C 32 -7.75 -42.80 25.25
C PRO C 32 -8.65 -41.59 25.47
N ALA C 33 -9.38 -41.58 26.59
CA ALA C 33 -10.29 -40.49 26.93
C ALA C 33 -9.50 -39.21 27.21
N ALA C 34 -8.32 -39.37 27.84
CA ALA C 34 -7.45 -38.24 28.14
C ALA C 34 -6.92 -37.62 26.85
N VAL C 35 -6.63 -38.46 25.84
CA VAL C 35 -6.08 -38.01 24.58
C VAL C 35 -7.15 -37.23 23.80
N ASN C 36 -8.41 -37.68 23.89
CA ASN C 36 -9.52 -37.08 23.16
C ASN C 36 -9.84 -35.70 23.73
N GLU C 37 -9.63 -35.52 25.04
CA GLU C 37 -9.85 -34.24 25.68
C GLU C 37 -8.79 -33.24 25.24
N ILE C 38 -7.55 -33.73 25.03
CA ILE C 38 -6.48 -32.91 24.49
C ILE C 38 -6.81 -32.56 23.03
N ARG C 39 -7.31 -33.54 22.27
CA ARG C 39 -7.69 -33.33 20.88
C ARG C 39 -8.85 -32.33 20.80
N ALA C 40 -9.80 -32.44 21.74
CA ALA C 40 -10.96 -31.56 21.76
C ALA C 40 -10.54 -30.14 22.17
N ALA C 41 -9.55 -30.04 23.06
CA ALA C 41 -9.05 -28.76 23.53
C ALA C 41 -8.19 -28.10 22.45
N LEU C 42 -7.53 -28.92 21.62
CA LEU C 42 -6.66 -28.43 20.56
C LEU C 42 -7.49 -27.77 19.47
N LEU C 43 -8.56 -28.45 19.03
CA LEU C 43 -9.39 -27.99 17.92
C LEU C 43 -10.07 -26.67 18.27
N ALA C 44 -10.47 -26.51 19.53
CA ALA C 44 -11.24 -25.35 19.96
C ALA C 44 -10.34 -24.13 20.15
N HIS C 45 -9.22 -24.33 20.85
CA HIS C 45 -8.34 -23.25 21.25
C HIS C 45 -7.19 -23.07 20.26
N LYS C 46 -7.05 -24.00 19.32
CA LYS C 46 -6.17 -23.87 18.15
C LYS C 46 -4.71 -24.10 18.54
N VAL C 47 -4.29 -23.63 19.72
CA VAL C 47 -2.98 -23.96 20.26
C VAL C 47 -3.11 -24.19 21.77
N VAL C 48 -2.45 -25.25 22.26
CA VAL C 48 -2.50 -25.62 23.67
C VAL C 48 -1.09 -25.86 24.17
N PHE C 49 -0.90 -25.69 25.49
CA PHE C 49 0.41 -25.73 26.11
C PHE C 49 0.39 -26.61 27.35
N PHE C 50 1.53 -27.29 27.59
CA PHE C 50 1.72 -28.13 28.76
C PHE C 50 3.01 -27.72 29.46
N ARG C 51 2.90 -27.34 30.74
CA ARG C 51 4.05 -26.92 31.53
C ARG C 51 4.48 -28.08 32.43
N GLY C 52 5.78 -28.11 32.74
CA GLY C 52 6.34 -29.04 33.71
C GLY C 52 6.53 -30.44 33.14
N GLN C 53 6.69 -30.56 31.82
CA GLN C 53 6.85 -31.84 31.16
C GLN C 53 8.34 -32.15 31.02
N HIS C 54 9.00 -32.42 32.15
CA HIS C 54 10.44 -32.67 32.16
C HIS C 54 10.73 -34.17 32.01
N GLN C 55 9.71 -34.97 31.68
CA GLN C 55 9.86 -36.40 31.55
C GLN C 55 9.99 -36.81 30.08
N LEU C 56 9.80 -35.85 29.16
CA LEU C 56 9.75 -36.14 27.74
C LEU C 56 11.15 -36.15 27.14
N ASP C 57 11.55 -37.33 26.62
CA ASP C 57 12.69 -37.44 25.73
C ASP C 57 12.14 -37.50 24.30
N ASP C 58 13.02 -37.73 23.32
CA ASP C 58 12.64 -37.78 21.92
C ASP C 58 11.69 -38.94 21.65
N ALA C 59 12.02 -40.11 22.23
CA ALA C 59 11.25 -41.33 22.01
C ALA C 59 9.87 -41.21 22.65
N GLU C 60 9.78 -40.50 23.78
CA GLU C 60 8.55 -40.37 24.54
C GLU C 60 7.60 -39.40 23.84
N GLN C 61 8.17 -38.33 23.27
CA GLN C 61 7.40 -37.31 22.55
C GLN C 61 6.84 -37.90 21.26
N LEU C 62 7.59 -38.82 20.64
CA LEU C 62 7.16 -39.51 19.44
C LEU C 62 5.96 -40.39 19.74
N ALA C 63 6.00 -41.07 20.90
CA ALA C 63 4.94 -41.98 21.32
C ALA C 63 3.64 -41.22 21.53
N PHE C 64 3.73 -40.04 22.16
CA PHE C 64 2.57 -39.21 22.42
C PHE C 64 1.97 -38.70 21.11
N ALA C 65 2.85 -38.33 20.16
CA ALA C 65 2.42 -37.86 18.85
C ALA C 65 1.67 -38.98 18.10
N GLY C 66 2.09 -40.22 18.33
CA GLY C 66 1.47 -41.39 17.71
C GLY C 66 0.00 -41.56 18.07
N LEU C 67 -0.39 -41.05 19.26
CA LEU C 67 -1.77 -41.15 19.72
C LEU C 67 -2.63 -40.09 19.03
N LEU C 68 -2.09 -38.88 18.84
CA LEU C 68 -2.82 -37.78 18.23
C LEU C 68 -2.98 -38.03 16.73
N GLY C 69 -1.87 -38.38 16.06
CA GLY C 69 -1.89 -38.61 14.62
C GLY C 69 -0.74 -39.51 14.17
N THR C 70 -0.14 -39.16 13.02
CA THR C 70 0.91 -39.96 12.40
C THR C 70 2.13 -39.08 12.14
N PRO C 71 3.26 -39.31 12.84
CA PRO C 71 4.53 -38.65 12.50
C PRO C 71 5.02 -38.97 11.09
N ILE C 72 5.97 -38.17 10.60
CA ILE C 72 6.58 -38.39 9.30
C ILE C 72 7.58 -39.54 9.42
N ASN C 98 12.25 -14.48 11.84
CA ASN C 98 11.31 -15.43 11.17
C ASN C 98 10.06 -14.64 10.76
N ARG C 99 9.25 -15.25 9.88
CA ARG C 99 8.07 -14.59 9.33
C ARG C 99 6.84 -15.48 9.56
N TRP C 100 5.65 -14.85 9.54
CA TRP C 100 4.39 -15.54 9.73
C TRP C 100 4.18 -16.57 8.62
N HIS C 101 3.93 -17.82 9.00
CA HIS C 101 3.78 -18.92 8.06
C HIS C 101 2.85 -20.00 8.62
N THR C 102 2.27 -20.79 7.70
CA THR C 102 1.73 -22.09 8.01
C THR C 102 2.70 -23.13 7.45
N ASP C 103 3.02 -24.15 8.26
CA ASP C 103 4.13 -25.06 7.97
C ASP C 103 3.92 -25.77 6.64
N VAL C 104 4.84 -25.52 5.70
CA VAL C 104 5.03 -26.32 4.50
C VAL C 104 3.78 -26.26 3.63
N THR C 105 3.21 -25.06 3.45
CA THR C 105 2.02 -24.88 2.65
C THR C 105 2.35 -24.94 1.15
N PHE C 106 3.65 -24.80 0.81
CA PHE C 106 4.09 -24.98 -0.56
C PHE C 106 3.83 -26.42 -1.00
N ALA C 107 3.76 -27.34 -0.02
CA ALA C 107 3.38 -28.72 -0.27
C ALA C 107 1.86 -28.80 -0.46
N ALA C 108 1.41 -29.89 -1.11
CA ALA C 108 0.01 -30.11 -1.40
C ALA C 108 -0.73 -30.54 -0.14
N ASN C 109 -0.21 -31.59 0.51
CA ASN C 109 -0.79 -32.13 1.74
C ASN C 109 0.08 -31.69 2.91
N TYR C 110 -0.09 -30.43 3.33
CA TYR C 110 0.75 -29.85 4.37
C TYR C 110 0.25 -30.35 5.73
N PRO C 111 1.16 -30.49 6.72
CA PRO C 111 0.87 -31.25 7.95
C PRO C 111 -0.29 -30.70 8.78
N ALA C 112 -0.93 -31.59 9.56
CA ALA C 112 -2.13 -31.27 10.29
C ALA C 112 -1.80 -30.48 11.56
N ALA C 113 -0.74 -30.89 12.26
CA ALA C 113 -0.35 -30.27 13.52
C ALA C 113 1.07 -30.72 13.88
N SER C 114 1.67 -30.01 14.85
CA SER C 114 3.00 -30.34 15.34
C SER C 114 3.03 -30.28 16.86
N VAL C 115 3.96 -31.05 17.44
CA VAL C 115 4.21 -31.06 18.88
C VAL C 115 5.65 -30.60 19.10
N LEU C 116 5.81 -29.39 19.64
CA LEU C 116 7.11 -28.77 19.81
C LEU C 116 7.49 -28.78 21.28
N ARG C 117 8.75 -29.16 21.57
CA ARG C 117 9.26 -29.22 22.94
C ARG C 117 10.48 -28.31 23.08
N ALA C 118 10.56 -27.59 24.20
CA ALA C 118 11.73 -26.80 24.54
C ALA C 118 12.75 -27.70 25.22
N VAL C 119 13.98 -27.69 24.70
CA VAL C 119 15.07 -28.48 25.25
C VAL C 119 16.20 -27.56 25.70
N SER C 120 16.50 -26.53 24.88
CA SER C 120 17.52 -25.54 25.21
C SER C 120 17.03 -24.15 24.80
N LEU C 121 16.85 -23.27 25.79
CA LEU C 121 16.33 -21.94 25.56
C LEU C 121 17.40 -20.89 25.85
N PRO C 122 17.34 -19.70 25.20
CA PRO C 122 18.24 -18.59 25.53
C PRO C 122 17.88 -17.99 26.88
N SER C 123 18.81 -17.21 27.45
CA SER C 123 18.60 -16.59 28.75
C SER C 123 17.59 -15.45 28.66
N TYR C 124 17.32 -14.97 27.44
CA TYR C 124 16.31 -13.93 27.21
C TYR C 124 15.81 -14.01 25.78
N GLY C 125 14.52 -13.72 25.59
CA GLY C 125 13.89 -13.74 24.28
C GLY C 125 13.66 -15.16 23.77
N GLY C 126 13.19 -15.27 22.52
CA GLY C 126 12.96 -16.55 21.87
C GLY C 126 11.54 -17.08 22.08
N SER C 127 10.57 -16.16 22.17
CA SER C 127 9.17 -16.51 22.27
C SER C 127 8.62 -16.79 20.87
N THR C 128 7.41 -17.37 20.81
CA THR C 128 6.78 -17.74 19.56
C THR C 128 5.34 -17.21 19.54
N LEU C 129 4.90 -16.82 18.33
CA LEU C 129 3.57 -16.27 18.12
C LEU C 129 2.69 -17.30 17.44
N TRP C 130 1.39 -17.26 17.75
CA TRP C 130 0.37 -18.06 17.07
C TRP C 130 -0.84 -17.18 16.76
N ALA C 131 -1.43 -17.40 15.59
CA ALA C 131 -2.61 -16.65 15.14
C ALA C 131 -3.72 -17.64 14.80
N ASN C 132 -4.97 -17.24 15.07
CA ASN C 132 -6.13 -18.07 14.81
C ASN C 132 -6.74 -17.67 13.46
N THR C 133 -6.61 -18.55 12.46
CA THR C 133 -7.05 -18.25 11.10
C THR C 133 -8.54 -18.58 10.94
N ALA C 134 -9.10 -19.32 11.90
CA ALA C 134 -10.53 -19.62 11.91
C ALA C 134 -11.31 -18.37 12.34
N ALA C 135 -10.88 -17.75 13.43
CA ALA C 135 -11.49 -16.53 13.95
C ALA C 135 -11.22 -15.37 13.00
N ALA C 136 -10.09 -15.44 12.27
CA ALA C 136 -9.74 -14.46 11.27
C ALA C 136 -10.80 -14.42 10.16
N TYR C 137 -11.20 -15.61 9.68
CA TYR C 137 -12.23 -15.74 8.67
C TYR C 137 -13.57 -15.24 9.22
N ALA C 138 -13.93 -15.73 10.41
CA ALA C 138 -15.24 -15.50 10.99
C ALA C 138 -15.53 -14.00 11.15
N GLU C 139 -14.48 -13.23 11.49
CA GLU C 139 -14.64 -11.82 11.82
C GLU C 139 -14.45 -10.93 10.59
N LEU C 140 -14.28 -11.53 9.40
CA LEU C 140 -14.25 -10.77 8.16
C LEU C 140 -15.64 -10.20 7.89
N PRO C 141 -15.74 -8.96 7.34
CA PRO C 141 -16.98 -8.51 6.70
C PRO C 141 -17.39 -9.43 5.56
N GLU C 142 -18.66 -9.35 5.14
CA GLU C 142 -19.21 -10.25 4.15
C GLU C 142 -18.48 -10.08 2.82
N PRO C 143 -18.15 -8.83 2.38
CA PRO C 143 -17.38 -8.64 1.14
C PRO C 143 -16.02 -9.35 1.13
N LEU C 144 -15.33 -9.34 2.26
CA LEU C 144 -14.03 -9.98 2.38
C LEU C 144 -14.18 -11.51 2.45
N LYS C 145 -15.35 -11.97 2.92
CA LYS C 145 -15.67 -13.39 2.89
C LYS C 145 -15.86 -13.82 1.44
N CYS C 146 -16.72 -13.10 0.71
CA CYS C 146 -16.98 -13.39 -0.70
C CYS C 146 -15.67 -13.42 -1.47
N LEU C 147 -14.77 -12.48 -1.14
CA LEU C 147 -13.47 -12.37 -1.79
C LEU C 147 -12.65 -13.64 -1.51
N THR C 148 -12.41 -13.91 -0.23
CA THR C 148 -11.49 -14.95 0.19
C THR C 148 -12.00 -16.34 -0.19
N GLU C 149 -13.33 -16.51 -0.19
CA GLU C 149 -13.95 -17.78 -0.52
C GLU C 149 -13.62 -18.21 -1.94
N ASN C 150 -13.49 -17.23 -2.86
CA ASN C 150 -13.32 -17.49 -4.28
C ASN C 150 -11.90 -17.14 -4.72
N LEU C 151 -11.00 -16.90 -3.76
CA LEU C 151 -9.63 -16.50 -4.06
C LEU C 151 -8.70 -17.69 -3.82
N TRP C 152 -7.75 -17.88 -4.75
CA TRP C 152 -6.77 -18.96 -4.67
C TRP C 152 -5.36 -18.37 -4.73
N ALA C 153 -4.43 -18.99 -4.00
CA ALA C 153 -3.08 -18.48 -3.84
C ALA C 153 -2.06 -19.52 -4.34
N LEU C 154 -0.89 -19.02 -4.77
CA LEU C 154 0.23 -19.85 -5.18
C LEU C 154 1.26 -19.91 -4.06
N HIS C 155 1.34 -21.05 -3.38
CA HIS C 155 2.33 -21.26 -2.34
C HIS C 155 3.58 -21.89 -2.94
N THR C 156 4.75 -21.38 -2.54
CA THR C 156 6.03 -21.87 -3.04
C THR C 156 7.13 -21.58 -2.02
N ASN C 157 8.26 -22.27 -2.17
CA ASN C 157 9.42 -22.10 -1.31
C ASN C 157 10.31 -20.96 -1.82
N ARG C 158 10.10 -20.58 -3.09
CA ARG C 158 10.79 -19.45 -3.71
C ARG C 158 12.31 -19.70 -3.68
N ASP C 182 11.63 -27.43 -6.34
CA ASP C 182 10.75 -26.26 -6.63
C ASP C 182 9.30 -26.71 -6.51
N PHE C 183 8.78 -26.72 -5.27
CA PHE C 183 7.39 -27.08 -5.01
C PHE C 183 6.51 -25.85 -5.21
N ARG C 184 5.38 -26.03 -5.93
CA ARG C 184 4.48 -24.94 -6.25
C ARG C 184 3.05 -25.47 -6.23
N THR C 185 2.34 -25.22 -5.11
CA THR C 185 0.98 -25.68 -4.93
C THR C 185 0.01 -24.50 -5.08
N GLU C 186 -1.22 -24.82 -5.50
CA GLU C 186 -2.28 -23.84 -5.68
C GLU C 186 -3.38 -24.11 -4.66
N HIS C 187 -3.36 -23.35 -3.55
CA HIS C 187 -4.30 -23.54 -2.45
C HIS C 187 -5.41 -22.49 -2.52
N PRO C 188 -6.62 -22.80 -1.99
CA PRO C 188 -7.61 -21.76 -1.72
C PRO C 188 -7.23 -20.95 -0.48
N VAL C 189 -7.72 -19.70 -0.42
CA VAL C 189 -7.42 -18.81 0.69
C VAL C 189 -8.31 -19.16 1.88
N VAL C 190 -9.46 -19.78 1.61
CA VAL C 190 -10.34 -20.28 2.67
C VAL C 190 -10.53 -21.79 2.46
N ARG C 191 -10.06 -22.59 3.43
CA ARG C 191 -10.26 -24.03 3.41
C ARG C 191 -11.29 -24.41 4.48
N VAL C 192 -12.10 -25.43 4.18
CA VAL C 192 -13.01 -26.00 5.15
C VAL C 192 -12.25 -27.05 5.96
N HIS C 193 -12.22 -26.85 7.29
CA HIS C 193 -11.52 -27.74 8.19
C HIS C 193 -12.24 -29.09 8.23
N PRO C 194 -11.54 -30.22 7.96
CA PRO C 194 -12.21 -31.51 7.83
C PRO C 194 -12.85 -32.04 9.11
N GLU C 195 -12.23 -31.74 10.26
CA GLU C 195 -12.66 -32.27 11.54
C GLU C 195 -13.68 -31.33 12.20
N THR C 196 -13.30 -30.06 12.36
CA THR C 196 -14.13 -29.10 13.08
C THR C 196 -15.25 -28.58 12.17
N GLY C 197 -14.97 -28.44 10.87
CA GLY C 197 -15.94 -27.94 9.92
C GLY C 197 -15.85 -26.43 9.74
N GLU C 198 -14.90 -25.79 10.44
CA GLU C 198 -14.73 -24.35 10.40
C GLU C 198 -14.05 -23.96 9.08
N ARG C 199 -14.36 -22.75 8.61
CA ARG C 199 -13.66 -22.14 7.49
C ARG C 199 -12.47 -21.34 8.05
N THR C 200 -11.28 -21.56 7.48
CA THR C 200 -10.05 -20.99 8.00
C THR C 200 -9.20 -20.43 6.86
N LEU C 201 -8.61 -19.25 7.09
CA LEU C 201 -7.77 -18.59 6.12
C LEU C 201 -6.46 -19.36 5.96
N LEU C 202 -5.98 -19.46 4.71
CA LEU C 202 -4.74 -20.15 4.40
C LEU C 202 -3.86 -19.24 3.55
N ALA C 203 -2.80 -18.71 4.17
CA ALA C 203 -1.89 -17.77 3.52
C ALA C 203 -0.49 -17.96 4.09
N GLY C 204 0.16 -16.86 4.55
CA GLY C 204 1.47 -16.94 5.15
C GLY C 204 2.59 -16.65 4.14
N ASP C 205 3.83 -16.75 4.61
CA ASP C 205 4.99 -16.22 3.92
C ASP C 205 5.28 -17.00 2.63
N PHE C 206 4.78 -18.23 2.53
CA PHE C 206 5.03 -19.07 1.36
C PHE C 206 4.21 -18.59 0.15
N VAL C 207 3.16 -17.82 0.40
CA VAL C 207 2.31 -17.28 -0.65
C VAL C 207 3.17 -16.39 -1.55
N ARG C 208 3.12 -16.67 -2.86
CA ARG C 208 3.88 -15.93 -3.86
C ARG C 208 2.95 -14.93 -4.57
N SER C 209 1.75 -15.40 -4.93
CA SER C 209 0.77 -14.56 -5.62
C SER C 209 -0.63 -15.19 -5.48
N PHE C 210 -1.65 -14.42 -5.89
CA PHE C 210 -3.01 -14.91 -6.00
C PHE C 210 -3.34 -15.15 -7.48
N VAL C 211 -4.15 -16.19 -7.74
CA VAL C 211 -4.40 -16.67 -9.09
C VAL C 211 -5.22 -15.62 -9.85
N GLY C 212 -4.77 -15.28 -11.05
CA GLY C 212 -5.43 -14.28 -11.89
C GLY C 212 -5.43 -12.91 -11.22
N LEU C 213 -4.26 -12.49 -10.73
CA LEU C 213 -4.13 -11.26 -9.97
C LEU C 213 -2.68 -10.79 -10.04
N ASP C 214 -2.48 -9.50 -10.35
CA ASP C 214 -1.15 -8.98 -10.64
C ASP C 214 -0.36 -8.80 -9.34
N SER C 215 0.91 -8.39 -9.48
CA SER C 215 1.85 -8.32 -8.37
C SER C 215 1.37 -7.34 -7.30
N HIS C 216 0.96 -6.14 -7.73
CA HIS C 216 0.52 -5.10 -6.82
C HIS C 216 -0.69 -5.59 -6.01
N GLU C 217 -1.72 -6.08 -6.72
CA GLU C 217 -2.96 -6.49 -6.11
C GLU C 217 -2.74 -7.68 -5.17
N SER C 218 -1.89 -8.63 -5.60
CA SER C 218 -1.55 -9.78 -4.78
C SER C 218 -0.88 -9.33 -3.48
N ARG C 219 0.15 -8.49 -3.62
CA ARG C 219 0.93 -8.02 -2.49
C ARG C 219 0.04 -7.26 -1.51
N VAL C 220 -0.84 -6.40 -2.05
CA VAL C 220 -1.64 -5.49 -1.25
C VAL C 220 -2.69 -6.28 -0.46
N LEU C 221 -3.40 -7.18 -1.15
CA LEU C 221 -4.45 -7.98 -0.53
C LEU C 221 -3.86 -8.95 0.49
N PHE C 222 -2.67 -9.48 0.18
CA PHE C 222 -1.97 -10.41 1.06
C PHE C 222 -1.76 -9.76 2.44
N GLU C 223 -1.23 -8.54 2.44
CA GLU C 223 -0.93 -7.84 3.68
C GLU C 223 -2.22 -7.46 4.41
N VAL C 224 -3.28 -7.20 3.63
CA VAL C 224 -4.59 -6.88 4.20
C VAL C 224 -5.10 -8.08 5.00
N LEU C 225 -5.01 -9.27 4.41
CA LEU C 225 -5.45 -10.50 5.07
C LEU C 225 -4.54 -10.81 6.26
N GLN C 226 -3.23 -10.63 6.08
CA GLN C 226 -2.25 -10.92 7.12
C GLN C 226 -2.40 -9.95 8.30
N ARG C 227 -2.82 -8.71 8.00
CA ARG C 227 -3.01 -7.71 9.03
C ARG C 227 -4.10 -8.14 10.01
N ARG C 228 -5.15 -8.80 9.48
CA ARG C 228 -6.27 -9.24 10.29
C ARG C 228 -5.90 -10.51 11.06
N ILE C 229 -5.18 -11.42 10.40
CA ILE C 229 -4.82 -12.70 10.99
C ILE C 229 -3.90 -12.48 12.19
N THR C 230 -2.89 -11.62 12.01
CA THR C 230 -1.83 -11.47 12.98
C THR C 230 -2.15 -10.39 14.01
N MET C 231 -3.28 -9.69 13.82
CA MET C 231 -3.69 -8.62 14.73
C MET C 231 -3.56 -9.13 16.17
N PRO C 232 -2.93 -8.35 17.09
CA PRO C 232 -2.60 -8.87 18.43
C PRO C 232 -3.74 -9.51 19.23
N GLU C 233 -4.97 -9.05 19.01
CA GLU C 233 -6.13 -9.58 19.70
C GLU C 233 -6.43 -11.01 19.27
N ASN C 234 -5.85 -11.42 18.13
CA ASN C 234 -6.12 -12.72 17.53
C ASN C 234 -4.87 -13.61 17.64
N THR C 235 -3.93 -13.25 18.54
CA THR C 235 -2.68 -13.99 18.66
C THR C 235 -2.34 -14.26 20.11
N ILE C 236 -1.49 -15.28 20.32
CA ILE C 236 -0.91 -15.59 21.61
C ILE C 236 0.62 -15.61 21.45
N ARG C 237 1.32 -15.05 22.43
CA ARG C 237 2.78 -14.99 22.43
C ARG C 237 3.29 -15.76 23.65
N TRP C 238 3.85 -16.96 23.41
CA TRP C 238 4.20 -17.88 24.48
C TRP C 238 5.66 -17.67 24.90
N ASN C 239 5.85 -17.30 26.17
CA ASN C 239 7.17 -17.23 26.77
C ASN C 239 7.59 -18.64 27.19
N TRP C 240 8.57 -19.20 26.46
CA TRP C 240 9.01 -20.57 26.67
C TRP C 240 9.74 -20.70 28.01
N ALA C 241 9.65 -21.91 28.59
CA ALA C 241 10.45 -22.31 29.73
C ALA C 241 10.80 -23.78 29.58
N PRO C 242 11.82 -24.30 30.30
CA PRO C 242 12.15 -25.73 30.24
C PRO C 242 10.95 -26.61 30.62
N GLY C 243 10.71 -27.64 29.81
CA GLY C 243 9.64 -28.60 30.06
C GLY C 243 8.30 -28.16 29.50
N ASP C 244 8.31 -27.13 28.64
CA ASP C 244 7.10 -26.68 27.98
C ASP C 244 6.90 -27.48 26.70
N VAL C 245 5.63 -27.71 26.35
CA VAL C 245 5.26 -28.42 25.14
C VAL C 245 4.06 -27.71 24.53
N ALA C 246 4.20 -27.28 23.26
CA ALA C 246 3.12 -26.65 22.53
C ALA C 246 2.55 -27.64 21.51
N ILE C 247 1.22 -27.57 21.31
CA ILE C 247 0.55 -28.30 20.26
C ILE C 247 -0.39 -27.33 19.55
N TRP C 248 -0.20 -27.17 18.23
CA TRP C 248 -1.01 -26.25 17.45
C TRP C 248 -1.65 -26.97 16.27
N ASP C 249 -2.91 -26.64 16.00
CA ASP C 249 -3.66 -27.16 14.86
C ASP C 249 -3.26 -26.35 13.63
N ASN C 250 -2.52 -26.97 12.71
CA ASN C 250 -1.93 -26.28 11.58
C ASN C 250 -2.99 -25.95 10.53
N ARG C 251 -4.14 -26.64 10.59
CA ARG C 251 -5.25 -26.38 9.69
C ARG C 251 -5.93 -25.05 9.99
N ALA C 252 -5.75 -24.54 11.23
CA ALA C 252 -6.48 -23.36 11.67
C ALA C 252 -5.57 -22.39 12.41
N THR C 253 -4.26 -22.41 12.12
CA THR C 253 -3.32 -21.53 12.79
C THR C 253 -2.26 -21.00 11.82
N GLN C 254 -1.56 -19.97 12.30
CA GLN C 254 -0.37 -19.44 11.68
C GLN C 254 0.61 -19.13 12.82
N HIS C 255 1.92 -19.29 12.59
CA HIS C 255 2.89 -19.09 13.65
C HIS C 255 4.14 -18.39 13.13
N ARG C 256 4.95 -17.89 14.07
CA ARG C 256 6.11 -17.05 13.78
C ARG C 256 7.08 -17.13 14.95
N ALA C 257 8.35 -17.42 14.65
CA ALA C 257 9.42 -17.35 15.64
C ALA C 257 9.92 -15.91 15.75
N ILE C 258 10.37 -15.52 16.94
CA ILE C 258 10.87 -14.18 17.17
C ILE C 258 12.37 -14.25 17.42
N ASP C 259 13.14 -13.68 16.49
CA ASP C 259 14.60 -13.68 16.56
C ASP C 259 15.06 -12.49 17.41
N ASP C 260 14.93 -12.62 18.74
CA ASP C 260 15.27 -11.55 19.65
C ASP C 260 16.10 -12.09 20.81
N TYR C 261 17.01 -13.03 20.52
CA TYR C 261 17.92 -13.58 21.51
C TYR C 261 19.35 -13.46 21.01
N ASP C 262 19.59 -12.51 20.11
CA ASP C 262 20.91 -12.26 19.56
C ASP C 262 21.48 -13.56 19.01
N ASP C 263 22.73 -13.89 19.36
CA ASP C 263 23.44 -15.01 18.77
C ASP C 263 23.52 -16.15 19.78
N GLN C 264 22.42 -16.41 20.48
CA GLN C 264 22.34 -17.48 21.46
C GLN C 264 21.77 -18.74 20.79
N HIS C 265 22.12 -19.90 21.35
CA HIS C 265 21.64 -21.18 20.84
C HIS C 265 20.21 -21.41 21.33
N ARG C 266 19.41 -22.10 20.52
CA ARG C 266 18.03 -22.41 20.86
C ARG C 266 17.58 -23.64 20.07
N LEU C 267 17.68 -24.82 20.70
CA LEU C 267 17.25 -26.07 20.10
C LEU C 267 15.80 -26.33 20.49
N MET C 268 15.01 -26.80 19.51
CA MET C 268 13.60 -27.05 19.70
C MET C 268 13.23 -28.33 18.95
N HIS C 269 13.01 -29.43 19.68
CA HIS C 269 12.73 -30.72 19.07
C HIS C 269 11.24 -30.82 18.76
N ARG C 270 10.90 -30.72 17.45
CA ARG C 270 9.53 -30.75 17.00
C ARG C 270 9.17 -32.14 16.50
N VAL C 271 7.86 -32.47 16.57
CA VAL C 271 7.33 -33.69 16.01
C VAL C 271 6.07 -33.33 15.21
N THR C 272 6.17 -33.44 13.88
CA THR C 272 5.10 -33.04 12.98
C THR C 272 4.22 -34.25 12.65
N LEU C 273 2.90 -34.01 12.54
CA LEU C 273 1.94 -35.06 12.23
C LEU C 273 1.55 -34.97 10.75
N MET C 274 0.97 -36.06 10.24
CA MET C 274 0.61 -36.18 8.84
C MET C 274 -0.65 -35.36 8.57
N GLY C 275 -0.70 -34.73 7.40
CA GLY C 275 -1.79 -33.81 7.05
C GLY C 275 -2.60 -34.30 5.85
N ASP C 276 -3.64 -33.53 5.51
CA ASP C 276 -4.54 -33.86 4.41
C ASP C 276 -4.57 -32.70 3.41
N VAL C 277 -5.19 -32.94 2.25
CA VAL C 277 -5.29 -31.97 1.19
C VAL C 277 -6.49 -31.05 1.48
N PRO C 278 -6.30 -29.71 1.52
CA PRO C 278 -7.42 -28.79 1.79
C PRO C 278 -8.48 -28.78 0.69
N VAL C 279 -9.69 -28.36 1.07
CA VAL C 279 -10.78 -28.17 0.13
C VAL C 279 -11.51 -26.88 0.47
N ASP C 280 -11.97 -26.17 -0.56
CA ASP C 280 -12.66 -24.90 -0.40
C ASP C 280 -14.12 -25.16 0.01
N VAL C 281 -14.92 -24.09 0.10
CA VAL C 281 -16.30 -24.17 0.55
C VAL C 281 -17.13 -24.97 -0.46
N TYR C 282 -16.73 -24.93 -1.74
CA TYR C 282 -17.43 -25.64 -2.79
C TYR C 282 -17.01 -27.11 -2.82
N GLY C 283 -15.76 -27.38 -2.40
CA GLY C 283 -15.24 -28.73 -2.32
C GLY C 283 -14.28 -29.05 -3.46
N GLN C 284 -13.29 -28.17 -3.63
CA GLN C 284 -12.30 -28.30 -4.70
C GLN C 284 -10.92 -28.42 -4.08
N ALA C 285 -10.16 -29.44 -4.51
CA ALA C 285 -8.86 -29.75 -3.94
C ALA C 285 -7.79 -28.82 -4.51
N SER C 286 -6.61 -28.86 -3.88
CA SER C 286 -5.48 -28.05 -4.30
C SER C 286 -4.78 -28.72 -5.50
N ARG C 287 -3.92 -27.95 -6.16
CA ARG C 287 -3.27 -28.40 -7.39
C ARG C 287 -1.94 -27.65 -7.57
N ILE D 8 19.89 -6.30 44.06
CA ILE D 8 19.45 -5.14 43.21
C ILE D 8 19.93 -5.39 41.79
N THR D 9 19.34 -6.40 41.12
CA THR D 9 19.79 -6.85 39.82
C THR D 9 18.77 -6.46 38.75
N VAL D 10 19.24 -6.39 37.50
CA VAL D 10 18.40 -6.11 36.34
C VAL D 10 18.76 -7.11 35.25
N LYS D 11 17.75 -7.86 34.77
CA LYS D 11 17.96 -8.93 33.80
C LYS D 11 17.28 -8.56 32.49
N LYS D 12 17.87 -9.01 31.38
CA LYS D 12 17.40 -8.69 30.04
C LYS D 12 16.25 -9.62 29.69
N LEU D 13 15.25 -9.10 28.98
CA LEU D 13 14.08 -9.87 28.56
C LEU D 13 14.10 -10.09 27.05
N GLY D 14 14.42 -9.04 26.30
CA GLY D 14 14.61 -9.14 24.85
C GLY D 14 15.91 -8.48 24.41
N SER D 15 16.29 -8.72 23.14
CA SER D 15 17.53 -8.20 22.60
C SER D 15 17.45 -6.69 22.41
N ARG D 16 16.27 -6.19 21.97
CA ARG D 16 16.11 -4.81 21.59
C ARG D 16 15.27 -4.04 22.62
N ILE D 17 14.56 -4.75 23.51
CA ILE D 17 13.74 -4.10 24.52
C ILE D 17 13.45 -5.09 25.65
N GLY D 18 13.17 -4.53 26.83
CA GLY D 18 12.62 -5.29 27.95
C GLY D 18 13.68 -5.62 28.99
N ALA D 19 13.33 -5.36 30.27
CA ALA D 19 14.17 -5.72 31.39
C ALA D 19 13.31 -5.91 32.63
N GLN D 20 13.76 -6.80 33.54
CA GLN D 20 13.09 -7.01 34.81
C GLN D 20 14.07 -6.66 35.92
N ILE D 21 13.63 -5.78 36.83
CA ILE D 21 14.46 -5.31 37.94
C ILE D 21 13.96 -5.97 39.23
N ASP D 22 14.68 -7.01 39.66
CA ASP D 22 14.35 -7.73 40.88
C ASP D 22 15.28 -7.30 42.01
N GLY D 23 14.80 -7.40 43.25
CA GLY D 23 15.58 -7.09 44.43
C GLY D 23 15.42 -5.64 44.87
N VAL D 24 14.21 -5.09 44.70
CA VAL D 24 13.91 -3.72 45.10
C VAL D 24 12.44 -3.62 45.51
N ARG D 25 12.19 -2.91 46.61
CA ARG D 25 10.84 -2.58 47.05
C ARG D 25 10.54 -1.14 46.63
N LEU D 26 9.61 -0.97 45.69
CA LEU D 26 9.29 0.35 45.14
C LEU D 26 8.62 1.21 46.21
N GLY D 27 9.08 2.45 46.33
CA GLY D 27 8.57 3.39 47.31
C GLY D 27 9.46 4.63 47.42
N GLY D 28 9.05 5.58 48.27
CA GLY D 28 9.79 6.81 48.49
C GLY D 28 11.05 6.60 49.33
N ASP D 29 11.11 5.47 50.05
CA ASP D 29 12.19 5.18 50.97
C ASP D 29 13.47 4.84 50.21
N LEU D 30 13.34 4.39 48.95
CA LEU D 30 14.48 4.01 48.14
C LEU D 30 15.49 5.16 48.08
N ASP D 31 16.78 4.83 48.23
CA ASP D 31 17.85 5.81 48.25
C ASP D 31 18.12 6.29 46.82
N PRO D 32 18.88 7.40 46.65
CA PRO D 32 19.20 7.92 45.31
C PRO D 32 19.93 6.92 44.41
N ALA D 33 20.77 6.07 45.02
CA ALA D 33 21.55 5.08 44.30
C ALA D 33 20.63 4.05 43.63
N ALA D 34 19.53 3.70 44.32
CA ALA D 34 18.55 2.77 43.80
C ALA D 34 17.85 3.35 42.58
N VAL D 35 17.56 4.65 42.62
CA VAL D 35 16.87 5.34 41.54
C VAL D 35 17.78 5.43 40.31
N ASN D 36 19.10 5.54 40.56
CA ASN D 36 20.08 5.61 39.48
C ASN D 36 20.15 4.29 38.73
N GLU D 37 19.97 3.17 39.46
CA GLU D 37 19.94 1.85 38.84
C GLU D 37 18.67 1.72 37.99
N ILE D 38 17.54 2.19 38.52
CA ILE D 38 16.26 2.11 37.84
C ILE D 38 16.29 2.99 36.59
N ARG D 39 16.77 4.23 36.74
CA ARG D 39 16.81 5.20 35.65
C ARG D 39 17.72 4.70 34.54
N ALA D 40 18.91 4.22 34.91
CA ALA D 40 19.89 3.74 33.95
C ALA D 40 19.35 2.55 33.15
N ALA D 41 18.66 1.65 33.87
CA ALA D 41 18.03 0.49 33.23
C ALA D 41 16.88 0.94 32.33
N LEU D 42 16.09 1.91 32.82
CA LEU D 42 14.91 2.39 32.12
C LEU D 42 15.30 3.01 30.78
N LEU D 43 16.33 3.88 30.80
CA LEU D 43 16.78 4.57 29.61
C LEU D 43 17.39 3.58 28.62
N ALA D 44 18.09 2.58 29.13
CA ALA D 44 18.79 1.60 28.30
C ALA D 44 17.80 0.58 27.72
N HIS D 45 16.92 0.05 28.58
CA HIS D 45 16.05 -1.06 28.21
C HIS D 45 14.65 -0.58 27.82
N LYS D 46 14.40 0.73 27.96
CA LYS D 46 13.21 1.40 27.44
C LYS D 46 11.98 1.07 28.28
N VAL D 47 11.75 -0.21 28.58
CA VAL D 47 10.67 -0.61 29.47
C VAL D 47 11.24 -1.58 30.52
N VAL D 48 10.93 -1.31 31.79
CA VAL D 48 11.42 -2.12 32.90
C VAL D 48 10.21 -2.59 33.72
N PHE D 49 10.35 -3.78 34.32
CA PHE D 49 9.26 -4.44 35.02
C PHE D 49 9.70 -4.84 36.42
N PHE D 50 8.75 -4.81 37.36
CA PHE D 50 8.98 -5.22 38.73
C PHE D 50 7.94 -6.27 39.11
N ARG D 51 8.30 -7.16 40.05
CA ARG D 51 7.49 -8.32 40.38
C ARG D 51 7.21 -8.33 41.89
N GLY D 52 5.94 -8.56 42.23
CA GLY D 52 5.54 -8.70 43.62
C GLY D 52 5.61 -7.39 44.40
N GLN D 53 5.14 -6.31 43.77
CA GLN D 53 5.08 -5.00 44.41
C GLN D 53 3.70 -4.83 45.03
N HIS D 54 3.40 -5.67 46.04
CA HIS D 54 2.09 -5.71 46.67
C HIS D 54 1.95 -4.59 47.69
N GLN D 55 3.09 -4.01 48.13
CA GLN D 55 3.11 -2.96 49.12
C GLN D 55 2.57 -1.65 48.54
N LEU D 56 2.67 -1.49 47.21
CA LEU D 56 2.29 -0.25 46.56
C LEU D 56 0.78 -0.05 46.62
N ASP D 57 0.38 1.23 46.73
CA ASP D 57 -1.00 1.64 46.57
C ASP D 57 -1.01 2.82 45.60
N ASP D 58 -1.84 3.84 45.86
CA ASP D 58 -1.84 5.06 45.06
C ASP D 58 -0.82 6.04 45.63
N ALA D 59 -0.80 6.18 46.96
CA ALA D 59 0.04 7.16 47.63
C ALA D 59 1.52 6.80 47.50
N GLU D 60 1.84 5.53 47.77
CA GLU D 60 3.23 5.06 47.77
C GLU D 60 3.78 5.06 46.36
N GLN D 61 2.92 4.78 45.37
CA GLN D 61 3.30 4.76 43.96
C GLN D 61 3.56 6.18 43.47
N LEU D 62 2.72 7.12 43.91
CA LEU D 62 2.83 8.52 43.53
C LEU D 62 4.10 9.12 44.15
N ALA D 63 4.45 8.68 45.35
CA ALA D 63 5.65 9.14 46.04
C ALA D 63 6.90 8.65 45.31
N PHE D 64 6.85 7.40 44.83
CA PHE D 64 7.96 6.81 44.08
C PHE D 64 8.12 7.51 42.73
N ALA D 65 6.99 7.74 42.04
CA ALA D 65 6.99 8.36 40.73
C ALA D 65 7.61 9.76 40.79
N GLY D 66 7.47 10.43 41.94
CA GLY D 66 8.02 11.75 42.15
C GLY D 66 9.54 11.79 42.14
N LEU D 67 10.19 10.63 42.36
CA LEU D 67 11.63 10.52 42.32
C LEU D 67 12.12 10.55 40.88
N LEU D 68 11.32 10.01 39.95
CA LEU D 68 11.69 9.96 38.55
C LEU D 68 11.50 11.34 37.91
N GLY D 69 10.31 11.93 38.11
CA GLY D 69 9.98 13.21 37.51
C GLY D 69 8.88 13.94 38.28
N THR D 70 8.02 14.65 37.54
CA THR D 70 6.93 15.41 38.13
C THR D 70 5.60 14.82 37.66
N PRO D 71 4.87 14.07 38.52
CA PRO D 71 3.57 13.51 38.14
C PRO D 71 2.59 14.52 37.59
N ILE D 72 2.26 14.38 36.30
CA ILE D 72 1.29 15.24 35.63
C ILE D 72 -0.12 14.74 35.98
N LYS D 96 -10.62 2.81 24.15
CA LYS D 96 -9.65 1.69 24.26
C LYS D 96 -8.28 2.16 23.77
N ALA D 97 -7.21 1.54 24.30
CA ALA D 97 -5.84 1.87 23.95
C ALA D 97 -5.20 0.72 23.19
N ASN D 98 -5.97 0.14 22.25
CA ASN D 98 -5.55 -1.07 21.55
C ASN D 98 -5.06 -0.71 20.15
N ARG D 99 -4.28 0.37 20.05
CA ARG D 99 -3.68 0.80 18.80
C ARG D 99 -2.31 1.41 19.12
N TRP D 100 -1.28 0.95 18.43
CA TRP D 100 0.09 1.37 18.66
C TRP D 100 0.16 2.90 18.75
N HIS D 101 0.59 3.40 19.92
CA HIS D 101 0.58 4.83 20.20
C HIS D 101 1.71 5.18 21.16
N THR D 102 2.16 6.44 21.06
CA THR D 102 2.88 7.12 22.13
C THR D 102 1.87 8.02 22.83
N ASP D 103 1.94 8.10 24.17
CA ASP D 103 0.89 8.75 24.94
C ASP D 103 0.90 10.25 24.69
N VAL D 104 -0.28 10.78 24.32
CA VAL D 104 -0.57 12.21 24.35
C VAL D 104 0.37 12.96 23.40
N THR D 105 0.65 12.38 22.23
CA THR D 105 1.52 13.02 21.25
C THR D 105 0.75 14.10 20.48
N PHE D 106 -0.58 14.14 20.63
CA PHE D 106 -1.37 15.25 20.11
C PHE D 106 -1.02 16.52 20.87
N ALA D 107 -0.55 16.37 22.11
CA ALA D 107 0.00 17.49 22.88
C ALA D 107 1.46 17.71 22.50
N ALA D 108 1.96 18.92 22.80
CA ALA D 108 3.30 19.32 22.43
C ALA D 108 4.32 18.75 23.42
N ASN D 109 4.19 19.14 24.69
CA ASN D 109 5.05 18.63 25.75
C ASN D 109 4.42 17.37 26.33
N TYR D 110 4.46 16.29 25.54
CA TYR D 110 3.87 15.02 25.93
C TYR D 110 4.77 14.34 26.96
N PRO D 111 4.23 13.45 27.82
CA PRO D 111 4.95 12.99 29.01
C PRO D 111 6.18 12.14 28.73
N ALA D 112 7.13 12.16 29.69
CA ALA D 112 8.43 11.52 29.53
C ALA D 112 8.30 10.01 29.75
N ALA D 113 7.68 9.62 30.88
CA ALA D 113 7.51 8.23 31.23
C ALA D 113 6.25 8.06 32.09
N SER D 114 5.82 6.81 32.25
CA SER D 114 4.66 6.49 33.07
C SER D 114 4.97 5.33 33.99
N VAL D 115 4.30 5.29 35.15
CA VAL D 115 4.41 4.20 36.09
C VAL D 115 3.03 3.54 36.21
N LEU D 116 2.85 2.43 35.49
CA LEU D 116 1.58 1.72 35.45
C LEU D 116 1.66 0.50 36.36
N ARG D 117 0.56 0.22 37.08
CA ARG D 117 0.50 -0.86 38.05
C ARG D 117 -0.79 -1.66 37.83
N ALA D 118 -0.69 -2.98 38.02
CA ALA D 118 -1.83 -3.87 37.93
C ALA D 118 -2.61 -3.83 39.25
N VAL D 119 -3.84 -3.30 39.18
CA VAL D 119 -4.73 -3.24 40.33
C VAL D 119 -5.62 -4.48 40.32
N SER D 120 -6.37 -4.67 39.22
CA SER D 120 -7.19 -5.85 39.03
C SER D 120 -7.14 -6.26 37.56
N LEU D 121 -7.01 -7.58 37.32
CA LEU D 121 -6.77 -8.10 35.99
C LEU D 121 -7.92 -9.03 35.59
N PRO D 122 -8.04 -9.37 34.28
CA PRO D 122 -8.93 -10.44 33.83
C PRO D 122 -8.37 -11.81 34.20
N SER D 123 -9.20 -12.85 34.05
CA SER D 123 -8.80 -14.22 34.32
C SER D 123 -7.83 -14.72 33.23
N TYR D 124 -7.95 -14.16 32.02
CA TYR D 124 -7.10 -14.53 30.90
C TYR D 124 -6.92 -13.32 29.98
N GLY D 125 -5.74 -13.23 29.36
CA GLY D 125 -5.42 -12.14 28.45
C GLY D 125 -5.23 -10.82 29.18
N GLY D 126 -5.26 -9.72 28.42
CA GLY D 126 -5.05 -8.39 28.96
C GLY D 126 -3.58 -8.00 28.99
N SER D 127 -2.79 -8.57 28.06
CA SER D 127 -1.36 -8.30 27.96
C SER D 127 -1.14 -6.95 27.26
N THR D 128 0.07 -6.41 27.42
CA THR D 128 0.44 -5.13 26.84
C THR D 128 1.72 -5.30 26.01
N LEU D 129 1.77 -4.58 24.88
CA LEU D 129 2.90 -4.60 23.97
C LEU D 129 3.72 -3.32 24.15
N TRP D 130 5.04 -3.45 23.96
CA TRP D 130 5.96 -2.32 23.95
C TRP D 130 6.87 -2.42 22.73
N ALA D 131 7.35 -1.26 22.25
CA ALA D 131 8.21 -1.21 21.08
C ALA D 131 9.32 -0.18 21.32
N ASN D 132 10.53 -0.51 20.85
CA ASN D 132 11.68 0.37 20.97
C ASN D 132 11.81 1.18 19.68
N THR D 133 11.48 2.48 19.77
CA THR D 133 11.51 3.37 18.62
C THR D 133 12.90 3.97 18.44
N ALA D 134 13.76 3.82 19.45
CA ALA D 134 15.15 4.22 19.34
C ALA D 134 15.92 3.22 18.48
N ALA D 135 15.73 1.93 18.78
CA ALA D 135 16.32 0.85 18.01
C ALA D 135 15.78 0.87 16.58
N ALA D 136 14.49 1.19 16.45
CA ALA D 136 13.83 1.29 15.15
C ALA D 136 14.60 2.25 14.24
N TYR D 137 14.89 3.45 14.75
CA TYR D 137 15.64 4.45 13.99
C TYR D 137 17.03 3.94 13.66
N ALA D 138 17.72 3.37 14.66
CA ALA D 138 19.10 2.94 14.52
C ALA D 138 19.23 1.85 13.44
N GLU D 139 18.17 1.06 13.25
CA GLU D 139 18.19 -0.06 12.31
C GLU D 139 17.55 0.33 10.98
N LEU D 140 17.31 1.63 10.76
CA LEU D 140 16.84 2.12 9.47
C LEU D 140 18.00 2.14 8.49
N PRO D 141 17.80 1.73 7.22
CA PRO D 141 18.73 2.07 6.14
C PRO D 141 18.86 3.58 6.00
N GLU D 142 19.99 4.03 5.48
CA GLU D 142 20.34 5.45 5.45
C GLU D 142 19.29 6.26 4.68
N PRO D 143 18.77 5.78 3.53
CA PRO D 143 17.68 6.49 2.83
C PRO D 143 16.51 6.84 3.73
N LEU D 144 16.11 5.88 4.58
CA LEU D 144 14.97 6.04 5.48
C LEU D 144 15.35 6.94 6.66
N LYS D 145 16.64 6.92 7.05
CA LYS D 145 17.14 7.86 8.03
C LYS D 145 17.05 9.28 7.47
N CYS D 146 17.48 9.44 6.21
CA CYS D 146 17.38 10.70 5.49
C CYS D 146 15.94 11.20 5.52
N LEU D 147 15.00 10.30 5.25
CA LEU D 147 13.58 10.61 5.16
C LEU D 147 13.06 11.07 6.51
N THR D 148 13.23 10.22 7.54
CA THR D 148 12.56 10.39 8.82
C THR D 148 13.12 11.59 9.57
N GLU D 149 14.44 11.80 9.48
CA GLU D 149 15.10 12.95 10.09
C GLU D 149 14.44 14.25 9.62
N ASN D 150 14.05 14.30 8.35
CA ASN D 150 13.55 15.50 7.71
C ASN D 150 12.02 15.52 7.70
N LEU D 151 11.38 14.44 8.15
CA LEU D 151 9.94 14.29 8.03
C LEU D 151 9.25 14.85 9.29
N TRP D 152 8.04 15.37 9.10
CA TRP D 152 7.24 15.92 10.18
C TRP D 152 5.80 15.41 10.08
N ALA D 153 5.19 15.14 11.24
CA ALA D 153 3.87 14.55 11.32
C ALA D 153 2.92 15.48 12.07
N LEU D 154 1.64 15.43 11.70
CA LEU D 154 0.59 16.17 12.38
C LEU D 154 -0.15 15.23 13.33
N HIS D 155 0.07 15.43 14.64
CA HIS D 155 -0.57 14.64 15.67
C HIS D 155 -1.86 15.34 16.13
N THR D 156 -2.92 14.54 16.31
CA THR D 156 -4.24 15.06 16.65
C THR D 156 -5.13 13.93 17.18
N ASN D 157 -6.34 14.31 17.62
CA ASN D 157 -7.34 13.35 18.06
C ASN D 157 -8.59 13.52 17.20
N ARG D 184 -4.11 19.42 17.43
CA ARG D 184 -3.32 19.66 16.20
C ARG D 184 -1.93 20.15 16.57
N THR D 185 -0.94 19.24 16.52
CA THR D 185 0.43 19.54 16.87
C THR D 185 1.38 18.88 15.87
N GLU D 186 2.30 19.68 15.32
CA GLU D 186 3.28 19.20 14.36
C GLU D 186 4.55 18.78 15.10
N HIS D 187 4.78 17.46 15.17
CA HIS D 187 6.02 16.92 15.70
C HIS D 187 6.94 16.50 14.56
N PRO D 188 8.26 16.34 14.82
CA PRO D 188 9.15 15.65 13.90
C PRO D 188 9.01 14.13 14.05
N VAL D 189 9.36 13.40 12.98
CA VAL D 189 9.25 11.96 12.97
C VAL D 189 10.44 11.34 13.71
N VAL D 190 11.57 12.05 13.72
CA VAL D 190 12.72 11.68 14.53
C VAL D 190 12.98 12.81 15.53
N ARG D 191 13.08 12.45 16.82
CA ARG D 191 13.44 13.41 17.86
C ARG D 191 14.67 12.91 18.60
N VAL D 192 15.45 13.84 19.13
CA VAL D 192 16.64 13.52 19.92
C VAL D 192 16.23 13.43 21.39
N HIS D 193 16.54 12.29 22.01
CA HIS D 193 16.20 12.06 23.41
C HIS D 193 17.08 12.93 24.29
N PRO D 194 16.50 13.69 25.26
CA PRO D 194 17.25 14.72 26.00
C PRO D 194 18.18 14.24 27.10
N GLU D 195 18.31 12.92 27.28
CA GLU D 195 19.15 12.35 28.32
C GLU D 195 20.18 11.42 27.71
N THR D 196 19.69 10.39 26.99
CA THR D 196 20.55 9.41 26.34
C THR D 196 21.22 10.01 25.11
N GLY D 197 20.53 10.96 24.45
CA GLY D 197 21.03 11.57 23.24
C GLY D 197 20.71 10.72 22.01
N GLU D 198 19.85 9.72 22.18
CA GLU D 198 19.51 8.79 21.12
C GLU D 198 18.40 9.38 20.25
N ARG D 199 18.53 9.20 18.93
CA ARG D 199 17.48 9.53 17.99
C ARG D 199 16.43 8.43 18.01
N THR D 200 15.17 8.82 18.19
CA THR D 200 14.07 7.87 18.32
C THR D 200 12.89 8.34 17.46
N LEU D 201 12.19 7.36 16.85
CA LEU D 201 11.06 7.65 15.99
C LEU D 201 9.87 8.12 16.82
N LEU D 202 9.10 9.05 16.26
CA LEU D 202 7.92 9.60 16.89
C LEU D 202 6.75 9.57 15.90
N ALA D 203 5.85 8.60 16.10
CA ALA D 203 4.68 8.44 15.26
C ALA D 203 3.51 7.94 16.12
N GLY D 204 2.88 6.83 15.73
CA GLY D 204 1.78 6.25 16.48
C GLY D 204 0.43 6.61 15.89
N ASP D 205 -0.64 6.28 16.63
CA ASP D 205 -1.99 6.29 16.10
C ASP D 205 -2.52 7.72 15.98
N PHE D 206 -1.93 8.66 16.73
CA PHE D 206 -2.41 10.04 16.76
C PHE D 206 -2.00 10.80 15.51
N VAL D 207 -1.07 10.23 14.72
CA VAL D 207 -0.64 10.84 13.47
C VAL D 207 -1.78 10.78 12.46
N ARG D 208 -2.19 11.95 11.96
CA ARG D 208 -3.22 12.06 10.95
C ARG D 208 -2.59 12.05 9.56
N SER D 209 -1.46 12.76 9.41
CA SER D 209 -0.75 12.86 8.14
C SER D 209 0.67 13.40 8.37
N PHE D 210 1.49 13.31 7.32
CA PHE D 210 2.82 13.91 7.31
C PHE D 210 2.78 15.22 6.54
N VAL D 211 3.60 16.18 6.97
CA VAL D 211 3.63 17.50 6.38
C VAL D 211 4.36 17.43 5.04
N GLY D 212 3.73 17.96 3.99
CA GLY D 212 4.29 17.95 2.65
C GLY D 212 3.77 16.79 1.81
N LEU D 213 3.30 15.73 2.46
CA LEU D 213 2.81 14.53 1.79
C LEU D 213 1.28 14.59 1.74
N ASP D 214 0.70 13.87 0.77
CA ASP D 214 -0.74 13.78 0.62
C ASP D 214 -1.24 12.58 1.41
N SER D 215 -2.55 12.30 1.31
CA SER D 215 -3.19 11.24 2.08
C SER D 215 -2.55 9.88 1.79
N HIS D 216 -2.39 9.56 0.50
CA HIS D 216 -1.84 8.27 0.09
C HIS D 216 -0.41 8.12 0.60
N GLU D 217 0.43 9.12 0.32
CA GLU D 217 1.83 9.07 0.68
C GLU D 217 1.97 8.99 2.20
N SER D 218 1.18 9.80 2.92
CA SER D 218 1.23 9.83 4.37
C SER D 218 0.97 8.44 4.95
N ARG D 219 -0.13 7.81 4.52
CA ARG D 219 -0.52 6.51 5.04
C ARG D 219 0.54 5.49 4.69
N VAL D 220 0.89 5.41 3.39
CA VAL D 220 1.78 4.38 2.86
C VAL D 220 3.14 4.43 3.59
N LEU D 221 3.64 5.64 3.85
CA LEU D 221 4.89 5.82 4.58
C LEU D 221 4.69 5.51 6.05
N PHE D 222 3.54 5.93 6.60
CA PHE D 222 3.21 5.70 7.99
C PHE D 222 3.22 4.20 8.31
N GLU D 223 2.71 3.39 7.37
CA GLU D 223 2.66 1.95 7.54
C GLU D 223 4.09 1.38 7.54
N VAL D 224 4.95 1.93 6.68
CA VAL D 224 6.31 1.44 6.49
C VAL D 224 7.08 1.59 7.81
N LEU D 225 6.93 2.74 8.47
CA LEU D 225 7.67 3.03 9.70
C LEU D 225 7.13 2.17 10.84
N GLN D 226 5.80 2.06 10.92
CA GLN D 226 5.14 1.32 12.00
C GLN D 226 5.40 -0.18 11.86
N ARG D 227 5.59 -0.65 10.63
CA ARG D 227 5.92 -2.04 10.36
C ARG D 227 7.29 -2.37 10.98
N ARG D 228 8.21 -1.41 10.94
CA ARG D 228 9.56 -1.60 11.46
C ARG D 228 9.56 -1.44 12.99
N ILE D 229 8.80 -0.46 13.49
CA ILE D 229 8.70 -0.21 14.91
C ILE D 229 8.10 -1.44 15.60
N THR D 230 6.92 -1.87 15.11
CA THR D 230 6.11 -2.87 15.78
C THR D 230 6.55 -4.28 15.41
N MET D 231 7.64 -4.40 14.64
CA MET D 231 8.21 -5.69 14.28
C MET D 231 8.43 -6.50 15.55
N PRO D 232 7.94 -7.76 15.64
CA PRO D 232 8.02 -8.55 16.87
C PRO D 232 9.40 -8.62 17.55
N GLU D 233 10.46 -8.61 16.75
CA GLU D 233 11.83 -8.68 17.27
C GLU D 233 12.17 -7.41 18.04
N ASN D 234 11.36 -6.36 17.86
CA ASN D 234 11.61 -5.06 18.46
C ASN D 234 10.57 -4.77 19.55
N THR D 235 10.00 -5.83 20.14
CA THR D 235 8.89 -5.67 21.08
C THR D 235 9.00 -6.66 22.24
N ILE D 236 8.43 -6.25 23.37
CA ILE D 236 8.18 -7.12 24.51
C ILE D 236 6.68 -7.09 24.80
N ARG D 237 6.12 -8.28 25.09
CA ARG D 237 4.71 -8.41 25.40
C ARG D 237 4.57 -8.96 26.82
N TRP D 238 4.11 -8.10 27.73
CA TRP D 238 4.08 -8.42 29.15
C TRP D 238 2.77 -9.12 29.52
N ASN D 239 2.89 -10.21 30.27
CA ASN D 239 1.75 -10.91 30.83
C ASN D 239 1.55 -10.45 32.27
N TRP D 240 0.56 -9.58 32.48
CA TRP D 240 0.35 -8.94 33.77
C TRP D 240 -0.08 -9.96 34.82
N ALA D 241 0.55 -9.88 36.00
CA ALA D 241 0.16 -10.67 37.16
C ALA D 241 -0.05 -9.72 38.34
N PRO D 242 -0.77 -10.16 39.41
CA PRO D 242 -0.99 -9.31 40.59
C PRO D 242 0.30 -8.76 41.17
N GLY D 243 0.33 -7.45 41.42
CA GLY D 243 1.48 -6.79 42.01
C GLY D 243 2.65 -6.65 41.03
N ASP D 244 2.34 -6.40 39.76
CA ASP D 244 3.34 -6.09 38.74
C ASP D 244 3.33 -4.60 38.47
N VAL D 245 4.51 -4.05 38.15
CA VAL D 245 4.67 -2.64 37.83
C VAL D 245 5.56 -2.53 36.60
N ALA D 246 5.09 -1.77 35.60
CA ALA D 246 5.86 -1.49 34.40
C ALA D 246 6.13 0.01 34.30
N ILE D 247 7.38 0.35 33.96
CA ILE D 247 7.77 1.73 33.71
C ILE D 247 8.40 1.80 32.32
N TRP D 248 7.87 2.68 31.47
CA TRP D 248 8.33 2.81 30.09
C TRP D 248 8.76 4.25 29.81
N ASP D 249 9.75 4.40 28.92
CA ASP D 249 10.24 5.69 28.49
C ASP D 249 9.42 6.14 27.28
N ASN D 250 8.36 6.94 27.55
CA ASN D 250 7.38 7.30 26.54
C ASN D 250 8.03 8.09 25.40
N ARG D 251 9.18 8.71 25.68
CA ARG D 251 9.93 9.44 24.67
C ARG D 251 10.50 8.48 23.62
N ALA D 252 10.98 7.31 24.08
CA ALA D 252 11.72 6.39 23.24
C ALA D 252 10.99 5.06 23.07
N THR D 253 9.67 5.06 23.23
CA THR D 253 8.89 3.82 23.13
C THR D 253 7.54 4.06 22.48
N GLN D 254 6.88 2.93 22.19
CA GLN D 254 5.50 2.90 21.69
C GLN D 254 4.85 1.66 22.31
N HIS D 255 3.56 1.75 22.67
CA HIS D 255 2.89 0.66 23.36
C HIS D 255 1.48 0.46 22.80
N ARG D 256 0.88 -0.68 23.17
CA ARG D 256 -0.43 -1.09 22.66
C ARG D 256 -1.09 -2.05 23.64
N ALA D 257 -2.36 -1.78 23.96
CA ALA D 257 -3.16 -2.72 24.73
C ALA D 257 -3.68 -3.82 23.81
N ILE D 258 -4.16 -4.93 24.40
CA ILE D 258 -4.72 -6.02 23.63
C ILE D 258 -6.07 -6.40 24.25
N ASP D 259 -7.15 -6.17 23.50
CA ASP D 259 -8.49 -6.57 23.90
C ASP D 259 -8.71 -8.04 23.53
N ASP D 260 -8.09 -8.94 24.32
CA ASP D 260 -8.24 -10.37 24.13
C ASP D 260 -8.74 -10.99 25.44
N TYR D 261 -9.66 -10.28 26.11
CA TYR D 261 -10.26 -10.77 27.35
C TYR D 261 -11.76 -10.46 27.34
N ASP D 262 -12.38 -10.58 26.16
CA ASP D 262 -13.83 -10.50 26.00
C ASP D 262 -14.35 -9.25 26.72
N ASP D 263 -15.31 -9.43 27.65
CA ASP D 263 -15.99 -8.32 28.28
C ASP D 263 -15.56 -8.20 29.74
N GLN D 264 -14.37 -8.73 30.07
CA GLN D 264 -13.88 -8.73 31.44
C GLN D 264 -13.32 -7.35 31.77
N HIS D 265 -13.56 -6.90 33.00
CA HIS D 265 -13.15 -5.57 33.45
C HIS D 265 -11.69 -5.61 33.90
N ARG D 266 -10.88 -4.70 33.36
CA ARG D 266 -9.46 -4.62 33.67
C ARG D 266 -9.12 -3.21 34.13
N LEU D 267 -8.80 -3.08 35.43
CA LEU D 267 -8.47 -1.79 36.03
C LEU D 267 -6.95 -1.66 36.17
N MET D 268 -6.42 -0.52 35.72
CA MET D 268 -4.99 -0.26 35.73
C MET D 268 -4.75 1.15 36.28
N HIS D 269 -3.88 1.25 37.30
CA HIS D 269 -3.58 2.53 37.94
C HIS D 269 -2.29 3.11 37.36
N ARG D 270 -2.43 4.21 36.60
CA ARG D 270 -1.32 4.83 35.91
C ARG D 270 -0.95 6.15 36.57
N VAL D 271 0.36 6.44 36.62
CA VAL D 271 0.88 7.72 37.05
C VAL D 271 1.84 8.22 35.97
N THR D 272 1.44 9.30 35.28
CA THR D 272 2.20 9.83 34.17
C THR D 272 2.96 11.08 34.62
N LEU D 273 4.20 11.22 34.12
CA LEU D 273 5.11 12.26 34.58
C LEU D 273 5.10 13.44 33.61
N MET D 274 5.82 14.51 33.99
CA MET D 274 5.95 15.71 33.18
C MET D 274 7.02 15.46 32.10
N GLY D 275 6.76 15.95 30.89
CA GLY D 275 7.66 15.74 29.76
C GLY D 275 8.07 17.06 29.10
N ASP D 276 9.11 16.99 28.26
CA ASP D 276 9.67 18.14 27.58
C ASP D 276 9.24 18.14 26.12
N VAL D 277 9.44 19.29 25.46
CA VAL D 277 9.02 19.49 24.08
C VAL D 277 10.04 18.81 23.15
N PRO D 278 9.59 17.98 22.18
CA PRO D 278 10.50 17.35 21.22
C PRO D 278 11.36 18.36 20.43
N VAL D 279 12.53 17.89 19.97
CA VAL D 279 13.34 18.61 19.01
C VAL D 279 13.92 17.59 18.02
N ASP D 280 13.99 17.98 16.75
CA ASP D 280 14.53 17.13 15.70
C ASP D 280 16.05 17.18 15.74
N VAL D 281 16.70 16.56 14.74
CA VAL D 281 18.15 16.49 14.68
C VAL D 281 18.73 17.89 14.48
N TYR D 282 17.94 18.80 13.90
CA TYR D 282 18.37 20.17 13.65
C TYR D 282 18.12 21.06 14.87
N GLY D 283 17.32 20.56 15.82
CA GLY D 283 17.03 21.27 17.06
C GLY D 283 15.79 22.14 16.95
N GLN D 284 14.91 21.83 15.98
CA GLN D 284 13.68 22.57 15.74
C GLN D 284 12.58 22.01 16.63
N ALA D 285 11.90 22.90 17.36
CA ALA D 285 10.86 22.52 18.30
C ALA D 285 9.56 22.23 17.57
N SER D 286 8.61 21.60 18.27
CA SER D 286 7.34 21.17 17.71
C SER D 286 6.35 22.33 17.69
N ARG D 287 5.87 22.69 16.49
CA ARG D 287 4.92 23.77 16.32
C ARG D 287 3.52 23.31 16.72
N VAL D 288 2.60 24.28 16.83
CA VAL D 288 1.22 24.01 17.23
C VAL D 288 0.29 24.84 16.34
#